data_5JYL
#
_entry.id   5JYL
#
_cell.length_a   66.570
_cell.length_b   49.410
_cell.length_c   111.660
_cell.angle_alpha   90.00
_cell.angle_beta   101.89
_cell.angle_gamma   90.00
#
_symmetry.space_group_name_H-M   'P 1 21 1'
#
loop_
_entity.id
_entity.type
_entity.pdbx_description
1 polymer Cadherin-3
2 polymer 'scFv TSP7'
3 non-polymer GLYCEROL
4 non-polymer 'PHOSPHATE ION'
5 non-polymer 'CHLORIDE ION'
6 water water
#
loop_
_entity_poly.entity_id
_entity_poly.type
_entity_poly.pdbx_seq_one_letter_code
_entity_poly.pdbx_strand_id
1 'polypeptide(L)'
;MDWVVAPISVPENGKGPFPQRLNQLKSNKDRDTKIFYSITGPGADSPPEGVFAVEKETGWLLLNKPLDREEIAKYELFGH
AVSENGASVEDPMNISIIVTD
;
A,C
2 'polypeptide(L)'
;QVQLQESGPELVKPGASVKMSCKASGYSFTAYNMHWVKQSHGKSLEWIGFIDPYSGIITYNQTFKGKATLTVDKSSSTAY
MQLNSLTSEDSAVYYCARRGYYDGGFDYWGQGTTLTVSSSAGGGGSGGGGSGGGGSDIDIQMTQTTSSLSASLGDRVTIS
CRASQDITNYLNWYQQKPDGTVKLLIYYTSRLHSGVPSRFSGSGSGTDYSLTISNLEQEDIATYFCQQDSKHPRTFGGGT
KLEIKSAHHHHHH
;
B,D
#
# COMPACT_ATOMS: atom_id res chain seq x y z
N VAL A 5 4.55 1.87 8.40
CA VAL A 5 5.75 2.06 7.51
C VAL A 5 6.57 0.78 7.42
N ALA A 6 6.95 0.42 6.20
CA ALA A 6 7.50 -0.91 5.92
C ALA A 6 9.02 -0.89 5.90
N PRO A 7 9.65 -1.91 6.50
CA PRO A 7 11.11 -1.92 6.46
C PRO A 7 11.69 -2.19 5.07
N ILE A 8 12.89 -1.68 4.84
CA ILE A 8 13.58 -1.83 3.58
C ILE A 8 14.60 -2.94 3.73
N SER A 9 14.51 -3.96 2.87
CA SER A 9 15.40 -5.13 2.90
C SER A 9 16.51 -4.95 1.88
N VAL A 10 17.75 -5.13 2.29
CA VAL A 10 18.87 -5.02 1.39
C VAL A 10 19.73 -6.26 1.50
N PRO A 11 19.96 -6.99 0.40
CA PRO A 11 20.83 -8.16 0.54
C PRO A 11 22.25 -7.71 0.82
N GLU A 12 22.98 -8.52 1.57
CA GLU A 12 24.35 -8.18 1.91
C GLU A 12 25.25 -8.41 0.70
N ASN A 13 26.38 -7.71 0.69
CA ASN A 13 27.39 -7.88 -0.36
C ASN A 13 26.86 -7.68 -1.78
N GLY A 14 25.97 -6.70 -1.95
CA GLY A 14 25.46 -6.35 -3.25
C GLY A 14 26.57 -5.88 -4.17
N LYS A 15 26.38 -6.09 -5.47
CA LYS A 15 27.37 -5.73 -6.49
C LYS A 15 27.44 -4.22 -6.75
N GLY A 16 26.34 -3.52 -6.48
CA GLY A 16 26.23 -2.13 -6.86
C GLY A 16 25.83 -2.07 -8.32
N PRO A 17 26.20 -1.02 -9.02
CA PRO A 17 27.10 0.01 -8.54
C PRO A 17 26.53 0.87 -7.42
N PHE A 18 27.40 1.60 -6.73
CA PHE A 18 27.01 2.46 -5.64
C PHE A 18 27.41 3.87 -6.00
N PRO A 19 26.62 4.87 -5.61
CA PRO A 19 25.47 4.67 -4.74
C PRO A 19 24.26 4.15 -5.49
N GLN A 20 23.44 3.35 -4.84
CA GLN A 20 22.22 2.81 -5.44
C GLN A 20 21.01 3.23 -4.64
N ARG A 21 19.91 3.46 -5.34
CA ARG A 21 18.66 3.79 -4.70
C ARG A 21 18.06 2.57 -4.00
N LEU A 22 17.38 2.81 -2.89
CA LEU A 22 16.74 1.76 -2.11
C LEU A 22 15.24 1.90 -2.03
N ASN A 23 14.80 3.14 -1.85
CA ASN A 23 13.41 3.41 -1.54
C ASN A 23 13.22 4.91 -1.60
N GLN A 24 12.03 5.34 -2.01
CA GLN A 24 11.72 6.74 -2.13
C GLN A 24 10.83 7.19 -1.00
N LEU A 25 11.31 8.18 -0.25
CA LEU A 25 10.50 8.81 0.80
C LEU A 25 9.37 9.67 0.21
N LYS A 26 8.16 9.46 0.72
CA LYS A 26 6.98 10.13 0.24
C LYS A 26 6.27 10.80 1.39
N SER A 27 5.85 12.03 1.18
CA SER A 27 5.03 12.76 2.13
C SER A 27 3.67 12.94 1.53
N ASN A 28 2.62 12.93 2.35
CA ASN A 28 1.27 13.17 1.85
C ASN A 28 1.00 14.67 1.52
N LYS A 29 2.00 15.53 1.70
CA LYS A 29 1.91 16.95 1.38
C LYS A 29 2.67 17.32 0.11
N ASP A 30 3.23 16.31 -0.53
CA ASP A 30 4.15 16.48 -1.68
C ASP A 30 3.52 17.18 -2.89
N ARG A 31 2.24 16.94 -3.11
CA ARG A 31 1.54 17.53 -4.22
C ARG A 31 1.38 19.03 -4.01
N ASP A 32 1.31 19.45 -2.74
CA ASP A 32 1.04 20.83 -2.38
C ASP A 32 2.31 21.66 -2.29
N THR A 33 3.36 21.06 -1.75
CA THR A 33 4.57 21.79 -1.46
C THR A 33 5.77 21.03 -1.98
N LYS A 34 6.75 21.78 -2.47
CA LYS A 34 8.01 21.21 -2.90
C LYS A 34 8.82 20.86 -1.66
N ILE A 35 9.10 19.56 -1.50
CA ILE A 35 9.65 19.03 -0.27
C ILE A 35 11.07 18.58 -0.48
N PHE A 36 11.94 18.91 0.48
CA PHE A 36 13.37 18.59 0.41
C PHE A 36 13.70 17.60 1.52
N TYR A 37 14.52 16.60 1.23
CA TYR A 37 14.76 15.50 2.17
C TYR A 37 16.18 15.45 2.69
N SER A 38 16.28 15.08 3.96
CA SER A 38 17.57 14.80 4.60
C SER A 38 17.37 13.60 5.53
N ILE A 39 18.48 12.97 5.93
CA ILE A 39 18.44 11.85 6.86
C ILE A 39 19.45 11.98 7.98
N THR A 40 19.09 11.40 9.13
CA THR A 40 19.99 11.32 10.26
C THR A 40 19.95 9.93 10.89
N GLY A 41 20.92 9.65 11.74
CA GLY A 41 20.97 8.43 12.52
C GLY A 41 22.29 7.73 12.34
N PRO A 42 22.55 6.68 13.16
CA PRO A 42 23.75 5.87 12.97
C PRO A 42 23.68 5.12 11.64
N GLY A 43 24.59 5.47 10.72
CA GLY A 43 24.50 5.02 9.35
C GLY A 43 24.48 6.17 8.37
N ALA A 44 24.09 7.36 8.84
CA ALA A 44 24.08 8.56 8.00
C ALA A 44 25.03 9.65 8.53
N ASP A 45 24.64 10.31 9.63
CA ASP A 45 25.41 11.43 10.20
C ASP A 45 26.07 11.11 11.55
N SER A 46 25.86 9.91 12.07
CA SER A 46 26.64 9.39 13.18
C SER A 46 27.18 8.00 12.79
N PRO A 47 28.23 7.52 13.51
CA PRO A 47 28.96 6.34 13.04
C PRO A 47 28.08 5.11 12.94
N PRO A 48 28.26 4.28 11.91
CA PRO A 48 29.19 4.53 10.80
C PRO A 48 28.68 5.60 9.81
N GLU A 49 29.46 6.66 9.62
CA GLU A 49 29.00 7.83 8.86
C GLU A 49 29.05 7.63 7.34
N GLY A 50 28.02 8.08 6.65
CA GLY A 50 27.99 8.08 5.18
C GLY A 50 27.74 6.75 4.48
N VAL A 51 27.14 5.80 5.20
CA VAL A 51 26.79 4.52 4.60
C VAL A 51 25.54 4.70 3.76
N PHE A 52 24.59 5.44 4.33
CA PHE A 52 23.35 5.81 3.67
C PHE A 52 23.33 7.33 3.42
N ALA A 53 22.58 7.73 2.40
CA ALA A 53 22.43 9.13 2.03
C ALA A 53 21.03 9.31 1.40
N VAL A 54 20.67 10.53 1.04
CA VAL A 54 19.41 10.74 0.33
C VAL A 54 19.55 11.84 -0.70
N GLU A 55 18.82 11.69 -1.81
CA GLU A 55 18.74 12.72 -2.84
C GLU A 55 17.79 13.81 -2.35
N LYS A 56 18.32 14.99 -2.10
CA LYS A 56 17.57 16.07 -1.49
C LYS A 56 16.25 16.36 -2.19
N GLU A 57 16.28 16.44 -3.51
CA GLU A 57 15.09 16.91 -4.24
C GLU A 57 14.07 15.82 -4.57
N THR A 58 14.47 14.56 -4.53
CA THR A 58 13.58 13.46 -4.95
C THR A 58 13.11 12.59 -3.79
N GLY A 59 13.88 12.56 -2.71
CA GLY A 59 13.54 11.72 -1.57
C GLY A 59 14.04 10.30 -1.69
N TRP A 60 14.85 10.02 -2.71
CA TRP A 60 15.35 8.68 -2.92
C TRP A 60 16.48 8.38 -1.94
N LEU A 61 16.21 7.42 -1.07
CA LEU A 61 17.22 6.86 -0.19
C LEU A 61 18.32 6.17 -0.99
N LEU A 62 19.58 6.47 -0.67
CA LEU A 62 20.73 5.87 -1.32
C LEU A 62 21.57 5.04 -0.36
N LEU A 63 22.10 3.94 -0.86
CA LEU A 63 23.11 3.13 -0.16
C LEU A 63 24.45 3.31 -0.87
N ASN A 64 25.48 3.70 -0.13
CA ASN A 64 26.77 4.09 -0.74
C ASN A 64 27.82 3.01 -0.82
N LYS A 65 27.55 1.86 -0.20
CA LYS A 65 28.57 0.88 0.06
C LYS A 65 27.88 -0.48 0.26
N PRO A 66 28.57 -1.60 -0.03
CA PRO A 66 27.95 -2.90 0.23
C PRO A 66 27.79 -3.15 1.72
N LEU A 67 26.71 -3.81 2.13
CA LEU A 67 26.44 -4.02 3.54
C LEU A 67 26.87 -5.41 4.01
N ASP A 68 27.45 -5.47 5.20
CA ASP A 68 27.93 -6.71 5.80
C ASP A 68 27.09 -6.99 7.06
N ARG A 69 26.30 -8.03 6.98
CA ARG A 69 25.42 -8.45 8.09
C ARG A 69 26.18 -8.88 9.36
N GLU A 70 27.41 -9.37 9.20
CA GLU A 70 28.22 -9.79 10.35
C GLU A 70 28.67 -8.59 11.18
N GLU A 71 28.87 -7.45 10.52
CA GLU A 71 29.19 -6.20 11.21
C GLU A 71 27.95 -5.54 11.83
N ILE A 72 26.94 -5.26 11.00
CA ILE A 72 25.68 -4.63 11.44
C ILE A 72 24.49 -5.18 10.66
N ALA A 73 23.51 -5.69 11.39
CA ALA A 73 22.40 -6.45 10.83
C ALA A 73 21.19 -5.60 10.46
N LYS A 74 21.11 -4.41 11.03
CA LYS A 74 19.91 -3.61 11.02
C LYS A 74 20.31 -2.16 11.22
N TYR A 75 19.57 -1.24 10.61
CA TYR A 75 19.78 0.19 10.84
C TYR A 75 18.44 0.87 11.10
N GLU A 76 18.45 1.85 11.98
CA GLU A 76 17.27 2.69 12.23
C GLU A 76 17.66 4.16 12.00
N LEU A 77 17.06 4.76 10.98
CA LEU A 77 17.36 6.14 10.59
C LEU A 77 16.11 6.98 10.63
N PHE A 78 16.30 8.28 10.46
CA PHE A 78 15.20 9.23 10.49
C PHE A 78 15.22 10.08 9.25
N GLY A 79 14.06 10.18 8.61
CA GLY A 79 13.90 11.00 7.43
C GLY A 79 13.30 12.33 7.85
N HIS A 80 13.72 13.40 7.18
CA HIS A 80 13.26 14.73 7.51
C HIS A 80 12.80 15.44 6.26
N ALA A 81 11.58 15.97 6.31
CA ALA A 81 11.00 16.69 5.19
C ALA A 81 10.86 18.16 5.53
N VAL A 82 11.52 19.02 4.76
CA VAL A 82 11.42 20.46 4.96
C VAL A 82 10.96 21.15 3.67
N SER A 83 10.38 22.34 3.83
CA SER A 83 10.00 23.18 2.68
C SER A 83 11.22 23.92 2.16
N GLU A 84 11.03 24.79 1.19
CA GLU A 84 12.15 25.52 0.56
C GLU A 84 12.84 26.45 1.58
N ASN A 85 12.01 27.07 2.42
CA ASN A 85 12.37 27.89 3.58
C ASN A 85 13.24 27.17 4.64
N GLY A 86 13.15 25.85 4.67
CA GLY A 86 13.84 25.05 5.68
C GLY A 86 12.93 24.65 6.83
N ALA A 87 11.66 25.06 6.76
CA ALA A 87 10.66 24.73 7.75
C ALA A 87 10.23 23.27 7.62
N SER A 88 10.28 22.56 8.73
CA SER A 88 9.82 21.18 8.82
C SER A 88 8.34 21.08 8.49
N VAL A 89 7.98 20.00 7.81
CA VAL A 89 6.64 19.76 7.34
C VAL A 89 6.00 18.54 8.08
N GLU A 90 6.81 17.71 8.70
CA GLU A 90 6.39 16.43 9.31
C GLU A 90 7.21 16.20 10.56
N ASP A 91 6.73 15.33 11.44
CA ASP A 91 7.61 14.74 12.43
C ASP A 91 8.64 13.89 11.69
N PRO A 92 9.78 13.63 12.31
CA PRO A 92 10.74 12.72 11.70
C PRO A 92 10.07 11.38 11.35
N MET A 93 10.36 10.86 10.16
CA MET A 93 9.80 9.60 9.70
CA MET A 93 9.80 9.60 9.70
C MET A 93 10.83 8.49 9.98
N ASN A 94 10.39 7.41 10.60
CA ASN A 94 11.27 6.30 10.96
C ASN A 94 11.62 5.40 9.77
N ILE A 95 12.90 5.14 9.57
CA ILE A 95 13.36 4.34 8.45
C ILE A 95 14.13 3.13 8.95
N SER A 96 13.55 1.95 8.77
CA SER A 96 14.17 0.72 9.21
C SER A 96 14.77 0.04 7.99
N ILE A 97 16.01 -0.43 8.15
CA ILE A 97 16.74 -1.07 7.07
C ILE A 97 17.31 -2.38 7.59
N ILE A 98 16.85 -3.48 7.02
CA ILE A 98 17.25 -4.83 7.43
C ILE A 98 18.18 -5.41 6.39
N VAL A 99 19.29 -6.02 6.84
CA VAL A 99 20.22 -6.71 5.93
C VAL A 99 19.89 -8.22 5.82
N THR A 100 19.72 -8.72 4.58
CA THR A 100 19.38 -10.15 4.28
C THR A 100 20.60 -10.86 3.66
N ASP A 101 20.64 -12.18 3.41
CA ASP A 101 19.53 -13.13 3.33
C ASP A 101 19.92 -14.44 4.03
N GLN B 1 -13.36 7.54 13.31
CA GLN B 1 -13.29 7.83 11.83
C GLN B 1 -12.91 9.29 11.51
N VAL B 2 -12.45 9.57 10.30
CA VAL B 2 -12.04 10.93 9.95
C VAL B 2 -13.26 11.84 9.76
N GLN B 3 -13.29 12.94 10.52
CA GLN B 3 -14.40 13.89 10.51
C GLN B 3 -13.93 15.35 10.46
N LEU B 4 -14.59 16.16 9.66
CA LEU B 4 -14.35 17.59 9.60
C LEU B 4 -15.66 18.34 9.85
N GLN B 5 -15.80 18.92 11.04
CA GLN B 5 -17.01 19.62 11.42
C GLN B 5 -16.86 21.11 11.14
N GLU B 6 -17.68 21.63 10.23
CA GLU B 6 -17.69 23.05 9.93
C GLU B 6 -18.75 23.81 10.73
N SER B 7 -18.53 25.12 10.87
CA SER B 7 -19.36 25.98 11.72
C SER B 7 -20.62 26.37 10.95
N GLY B 8 -21.60 26.93 11.67
CA GLY B 8 -22.96 27.17 11.16
C GLY B 8 -23.08 28.29 10.13
N PRO B 9 -24.23 28.38 9.42
CA PRO B 9 -24.47 29.37 8.36
C PRO B 9 -24.29 30.82 8.83
N GLU B 10 -23.75 31.65 7.94
CA GLU B 10 -23.44 33.05 8.22
C GLU B 10 -24.33 33.99 7.39
N LEU B 11 -24.82 35.04 8.03
CA LEU B 11 -25.59 36.08 7.34
C LEU B 11 -25.06 37.44 7.78
N VAL B 12 -24.29 38.09 6.90
CA VAL B 12 -23.59 39.35 7.17
C VAL B 12 -23.91 40.44 6.13
N LYS B 13 -23.65 41.70 6.48
CA LYS B 13 -23.89 42.82 5.56
C LYS B 13 -22.63 43.10 4.71
N PRO B 14 -22.80 43.74 3.53
CA PRO B 14 -21.65 44.07 2.69
C PRO B 14 -20.60 44.89 3.41
N GLY B 15 -19.34 44.60 3.15
CA GLY B 15 -18.22 45.33 3.76
C GLY B 15 -17.69 44.70 5.04
N ALA B 16 -18.41 43.73 5.58
CA ALA B 16 -18.02 43.07 6.81
C ALA B 16 -16.99 41.96 6.56
N SER B 17 -16.47 41.42 7.65
CA SER B 17 -15.65 40.21 7.61
C SER B 17 -16.36 39.09 8.32
N VAL B 18 -16.02 37.87 7.98
CA VAL B 18 -16.53 36.72 8.69
C VAL B 18 -15.45 35.66 8.80
N LYS B 19 -15.60 34.77 9.78
CA LYS B 19 -14.60 33.74 10.09
C LYS B 19 -15.26 32.40 10.35
N MET B 20 -14.88 31.40 9.56
CA MET B 20 -15.38 30.04 9.64
C MET B 20 -14.37 29.14 10.28
N SER B 21 -14.85 28.17 11.05
CA SER B 21 -13.99 27.17 11.66
C SER B 21 -14.21 25.82 10.99
N CYS B 22 -13.17 24.99 10.99
CA CYS B 22 -13.26 23.62 10.54
C CYS B 22 -12.53 22.70 11.53
N LYS B 23 -13.30 21.99 12.34
CA LYS B 23 -12.77 21.20 13.45
C LYS B 23 -12.47 19.77 12.98
N ALA B 24 -11.21 19.39 13.04
CA ALA B 24 -10.75 18.05 12.63
C ALA B 24 -10.77 17.09 13.81
N SER B 25 -11.07 15.82 13.50
CA SER B 25 -10.98 14.73 14.49
C SER B 25 -10.82 13.38 13.80
N GLY B 26 -10.27 12.40 14.52
CA GLY B 26 -10.06 11.06 14.00
C GLY B 26 -8.73 10.87 13.31
N TYR B 27 -7.83 11.84 13.42
CA TYR B 27 -6.50 11.75 12.83
C TYR B 27 -5.57 12.81 13.41
N SER B 28 -4.29 12.74 13.05
CA SER B 28 -3.31 13.68 13.56
C SER B 28 -3.38 14.96 12.72
N PHE B 29 -4.00 15.99 13.30
CA PHE B 29 -4.31 17.25 12.62
C PHE B 29 -3.17 17.83 11.80
N THR B 30 -1.96 17.83 12.36
CA THR B 30 -0.83 18.49 11.69
C THR B 30 -0.15 17.64 10.61
N ALA B 31 -0.57 16.40 10.44
CA ALA B 31 0.11 15.52 9.47
C ALA B 31 -0.49 15.63 8.06
N TYR B 32 -1.56 16.40 7.92
CA TYR B 32 -2.22 16.57 6.62
C TYR B 32 -2.54 18.05 6.36
N ASN B 33 -2.32 18.49 5.12
CA ASN B 33 -2.68 19.84 4.72
C ASN B 33 -4.20 20.00 4.63
N MET B 34 -4.66 21.23 4.85
CA MET B 34 -6.08 21.54 4.84
C MET B 34 -6.42 22.55 3.76
N HIS B 35 -7.30 22.15 2.84
CA HIS B 35 -7.65 22.96 1.70
C HIS B 35 -9.04 23.52 1.89
N TRP B 36 -9.33 24.66 1.26
CA TRP B 36 -10.66 25.25 1.33
C TRP B 36 -11.14 25.47 -0.07
N VAL B 37 -12.45 25.33 -0.27
CA VAL B 37 -13.03 25.57 -1.59
C VAL B 37 -14.36 26.29 -1.47
N LYS B 38 -14.76 26.96 -2.53
CA LYS B 38 -15.98 27.74 -2.58
C LYS B 38 -16.87 27.14 -3.66
N GLN B 39 -18.16 27.05 -3.36
CA GLN B 39 -19.17 26.65 -4.33
C GLN B 39 -20.33 27.64 -4.40
N SER B 40 -20.45 28.39 -5.48
CA SER B 40 -21.57 29.31 -5.64
C SER B 40 -22.75 28.54 -6.19
N HIS B 41 -23.94 28.92 -5.75
CA HIS B 41 -25.19 28.34 -6.23
C HIS B 41 -25.19 28.48 -7.76
N GLY B 42 -25.44 27.40 -8.50
CA GLY B 42 -25.85 26.11 -7.94
C GLY B 42 -24.71 25.19 -7.58
N LYS B 43 -23.72 25.04 -8.48
CA LYS B 43 -22.74 23.97 -8.32
C LYS B 43 -21.26 24.19 -8.78
N SER B 44 -20.87 25.37 -9.24
CA SER B 44 -19.47 25.58 -9.69
C SER B 44 -18.49 25.53 -8.47
N LEU B 45 -17.35 24.80 -8.55
CA LEU B 45 -16.40 24.69 -7.43
C LEU B 45 -15.07 25.36 -7.73
N GLU B 46 -14.58 26.18 -6.80
CA GLU B 46 -13.31 26.92 -6.97
C GLU B 46 -12.38 26.69 -5.78
N TRP B 47 -11.10 26.57 -6.10
CA TRP B 47 -10.12 26.28 -5.09
C TRP B 47 -9.60 27.59 -4.52
N ILE B 48 -9.68 27.71 -3.20
CA ILE B 48 -9.25 28.92 -2.51
C ILE B 48 -7.76 28.89 -2.17
N GLY B 49 -7.31 27.79 -1.58
CA GLY B 49 -5.94 27.65 -1.12
C GLY B 49 -5.83 26.57 -0.07
N PHE B 50 -4.65 26.45 0.51
CA PHE B 50 -4.42 25.48 1.57
C PHE B 50 -3.48 26.01 2.61
N ILE B 51 -3.56 25.43 3.80
CA ILE B 51 -2.58 25.69 4.85
C ILE B 51 -1.98 24.38 5.34
N ASP B 52 -0.68 24.42 5.58
CA ASP B 52 -0.01 23.33 6.21
C ASP B 52 0.02 23.64 7.68
N PRO B 53 -0.76 22.91 8.48
CA PRO B 53 -0.86 23.26 9.90
C PRO B 53 0.39 22.97 10.71
N TYR B 54 1.29 22.16 10.16
CA TYR B 54 2.54 21.84 10.81
C TYR B 54 3.52 23.01 10.71
N SER B 55 3.77 23.46 9.48
CA SER B 55 4.73 24.54 9.22
C SER B 55 4.10 25.92 9.27
N GLY B 56 2.83 26.01 8.90
CA GLY B 56 2.16 27.30 8.80
C GLY B 56 2.24 27.91 7.41
N ILE B 57 2.91 27.22 6.49
CA ILE B 57 2.96 27.66 5.11
C ILE B 57 1.56 27.68 4.50
N ILE B 58 1.23 28.78 3.83
CA ILE B 58 -0.03 28.92 3.15
C ILE B 58 0.20 29.20 1.68
N THR B 59 -0.69 28.69 0.84
CA THR B 59 -0.66 28.94 -0.60
C THR B 59 -2.08 29.30 -1.02
N TYR B 60 -2.23 30.48 -1.65
CA TYR B 60 -3.54 30.96 -2.09
C TYR B 60 -3.67 30.86 -3.59
N ASN B 61 -4.87 30.57 -4.06
CA ASN B 61 -5.24 30.87 -5.43
C ASN B 61 -5.13 32.38 -5.57
N GLN B 62 -4.42 32.82 -6.60
CA GLN B 62 -4.28 34.24 -6.91
C GLN B 62 -5.65 34.95 -6.85
N THR B 63 -6.71 34.25 -7.26
CA THR B 63 -8.08 34.76 -7.20
C THR B 63 -8.53 35.17 -5.79
N PHE B 64 -8.12 34.44 -4.77
CA PHE B 64 -8.57 34.71 -3.39
C PHE B 64 -7.52 35.41 -2.54
N LYS B 65 -6.40 35.79 -3.14
CA LYS B 65 -5.36 36.52 -2.43
C LYS B 65 -5.93 37.88 -1.95
N GLY B 66 -5.92 38.10 -0.65
CA GLY B 66 -6.48 39.31 -0.05
C GLY B 66 -7.92 39.15 0.42
N LYS B 67 -8.72 38.37 -0.31
CA LYS B 67 -10.09 38.09 0.10
C LYS B 67 -10.14 37.10 1.26
N ALA B 68 -9.25 36.11 1.28
CA ALA B 68 -9.30 35.04 2.27
C ALA B 68 -8.03 34.93 3.10
N THR B 69 -8.19 34.67 4.38
CA THR B 69 -7.07 34.47 5.28
C THR B 69 -7.17 33.12 6.01
N LEU B 70 -6.18 32.26 5.79
CA LEU B 70 -6.16 30.92 6.40
C LEU B 70 -5.24 30.86 7.60
N THR B 71 -5.75 30.31 8.68
CA THR B 71 -4.97 30.10 9.90
C THR B 71 -5.38 28.77 10.49
N VAL B 72 -4.62 28.33 11.50
CA VAL B 72 -5.00 27.14 12.28
C VAL B 72 -4.73 27.38 13.74
N ASP B 73 -5.50 26.69 14.58
CA ASP B 73 -5.19 26.55 16.01
C ASP B 73 -4.79 25.09 16.24
N LYS B 74 -3.49 24.84 16.42
CA LYS B 74 -2.99 23.49 16.65
C LYS B 74 -3.59 22.84 17.89
N SER B 75 -3.76 23.61 18.95
CA SER B 75 -4.18 23.06 20.25
C SER B 75 -5.65 22.59 20.26
N SER B 76 -6.47 23.05 19.32
CA SER B 76 -7.87 22.60 19.23
C SER B 76 -8.18 21.82 17.96
N SER B 77 -7.16 21.52 17.16
CA SER B 77 -7.34 20.84 15.86
C SER B 77 -8.36 21.54 14.96
N THR B 78 -8.22 22.86 14.85
CA THR B 78 -9.19 23.65 14.13
C THR B 78 -8.50 24.50 13.10
N ALA B 79 -9.03 24.46 11.87
CA ALA B 79 -8.60 25.33 10.79
C ALA B 79 -9.61 26.46 10.62
N TYR B 80 -9.10 27.64 10.27
CA TYR B 80 -9.97 28.82 10.10
C TYR B 80 -9.79 29.48 8.75
N MET B 81 -10.89 30.00 8.21
CA MET B 81 -10.84 30.91 7.07
C MET B 81 -11.63 32.16 7.38
N GLN B 82 -10.95 33.30 7.29
CA GLN B 82 -11.58 34.59 7.38
C GLN B 82 -11.80 35.09 5.98
N LEU B 83 -12.98 35.65 5.70
CA LEU B 83 -13.25 36.30 4.43
C LEU B 83 -13.56 37.78 4.68
N ASN B 84 -12.87 38.65 3.95
CA ASN B 84 -12.93 40.10 4.18
C ASN B 84 -13.58 40.86 3.04
N SER B 85 -13.94 42.12 3.30
CA SER B 85 -14.48 43.03 2.29
C SER B 85 -15.60 42.38 1.51
N LEU B 86 -16.60 41.90 2.25
CA LEU B 86 -17.63 41.03 1.68
C LEU B 86 -18.60 41.72 0.74
N THR B 87 -18.85 41.08 -0.40
CA THR B 87 -19.89 41.49 -1.33
C THR B 87 -20.79 40.31 -1.63
N SER B 88 -21.88 40.61 -2.32
CA SER B 88 -22.86 39.66 -2.79
C SER B 88 -22.25 38.48 -3.60
N GLU B 89 -21.11 38.74 -4.22
CA GLU B 89 -20.41 37.74 -5.01
C GLU B 89 -19.66 36.72 -4.14
N ASP B 90 -19.51 37.01 -2.85
CA ASP B 90 -18.92 36.09 -1.89
C ASP B 90 -19.97 35.12 -1.34
N SER B 91 -21.24 35.39 -1.59
CA SER B 91 -22.29 34.48 -1.17
C SER B 91 -22.09 33.13 -1.83
N ALA B 92 -21.85 32.12 -0.99
CA ALA B 92 -21.56 30.77 -1.45
C ALA B 92 -21.57 29.80 -0.29
N VAL B 93 -21.46 28.52 -0.61
CA VAL B 93 -21.21 27.50 0.39
C VAL B 93 -19.72 27.21 0.33
N TYR B 94 -19.08 27.26 1.49
CA TYR B 94 -17.63 27.08 1.57
C TYR B 94 -17.29 25.78 2.27
N TYR B 95 -16.19 25.19 1.84
CA TYR B 95 -15.84 23.85 2.25
C TYR B 95 -14.44 23.75 2.78
N CYS B 96 -14.33 22.81 3.69
CA CYS B 96 -13.12 22.37 4.32
C CYS B 96 -12.77 21.05 3.64
N ALA B 97 -11.52 20.82 3.25
CA ALA B 97 -11.14 19.48 2.70
C ALA B 97 -9.68 19.04 2.92
N ARG B 98 -9.49 17.83 3.43
CA ARG B 98 -8.15 17.33 3.73
C ARG B 98 -7.41 16.78 2.52
N ARG B 99 -6.16 17.18 2.34
CA ARG B 99 -5.26 16.61 1.35
C ARG B 99 -4.88 15.18 1.79
N GLY B 100 -5.22 14.18 0.97
CA GLY B 100 -5.21 12.78 1.39
C GLY B 100 -3.95 11.99 1.09
N TYR B 101 -3.37 12.22 -0.08
CA TYR B 101 -2.31 11.32 -0.58
C TYR B 101 -1.21 12.04 -1.35
N TYR B 102 -0.04 11.39 -1.38
CA TYR B 102 1.10 11.78 -2.21
C TYR B 102 0.72 12.11 -3.66
N ASP B 103 -0.16 11.30 -4.25
CA ASP B 103 -0.59 11.48 -5.65
C ASP B 103 -1.81 12.39 -5.83
N GLY B 104 -2.28 12.98 -4.74
CA GLY B 104 -3.34 13.98 -4.81
C GLY B 104 -4.65 13.50 -4.22
N GLY B 105 -5.70 14.23 -4.51
CA GLY B 105 -7.02 13.94 -3.99
C GLY B 105 -7.23 14.68 -2.69
N PHE B 106 -8.48 15.05 -2.43
CA PHE B 106 -8.88 15.54 -1.11
C PHE B 106 -9.80 14.48 -0.55
N ASP B 107 -9.32 13.77 0.46
CA ASP B 107 -9.96 12.49 0.83
C ASP B 107 -11.12 12.60 1.80
N TYR B 108 -11.20 13.71 2.53
CA TYR B 108 -12.34 13.95 3.43
C TYR B 108 -12.75 15.41 3.42
N TRP B 109 -14.05 15.64 3.47
CA TRP B 109 -14.62 16.98 3.33
C TRP B 109 -15.51 17.29 4.52
N GLY B 110 -15.53 18.55 4.93
CA GLY B 110 -16.55 19.02 5.87
C GLY B 110 -17.87 19.19 5.15
N GLN B 111 -18.94 19.37 5.92
CA GLN B 111 -20.30 19.46 5.39
C GLN B 111 -20.59 20.80 4.69
N GLY B 112 -19.73 21.78 4.92
CA GLY B 112 -19.89 23.09 4.30
C GLY B 112 -20.48 24.11 5.25
N THR B 113 -20.11 25.37 5.01
CA THR B 113 -20.65 26.51 5.73
C THR B 113 -21.26 27.49 4.71
N THR B 114 -22.55 27.77 4.86
CA THR B 114 -23.25 28.68 3.94
C THR B 114 -23.05 30.14 4.36
N LEU B 115 -22.58 30.96 3.42
CA LEU B 115 -22.43 32.39 3.66
C LEU B 115 -23.36 33.12 2.71
N THR B 116 -24.19 33.99 3.28
CA THR B 116 -25.05 34.88 2.51
C THR B 116 -24.70 36.32 2.85
N VAL B 117 -24.31 37.08 1.83
CA VAL B 117 -24.05 38.51 1.98
C VAL B 117 -25.21 39.29 1.33
N SER B 118 -25.98 39.99 2.15
CA SER B 118 -27.07 40.80 1.59
C SER B 118 -26.48 42.10 1.06
N GLY B 133 -8.36 40.71 -7.20
CA GLY B 133 -8.51 39.24 -7.03
C GLY B 133 -8.21 38.43 -8.30
N GLY B 134 -6.93 38.15 -8.53
CA GLY B 134 -6.48 37.39 -9.70
C GLY B 134 -5.00 37.61 -9.89
N GLY B 135 -4.40 36.95 -10.88
CA GLY B 135 -2.97 37.14 -11.17
C GLY B 135 -2.51 36.51 -12.47
N SER B 136 -1.19 36.32 -12.58
CA SER B 136 -0.57 35.85 -13.83
C SER B 136 -0.44 34.31 -14.00
N ASP B 137 -0.74 33.51 -12.99
CA ASP B 137 -0.70 32.06 -13.22
C ASP B 137 -1.75 31.65 -14.24
N ILE B 138 -1.34 30.76 -15.14
CA ILE B 138 -2.27 30.03 -15.97
C ILE B 138 -3.13 29.08 -15.14
N ASP B 139 -4.40 29.00 -15.54
CA ASP B 139 -5.46 28.44 -14.76
C ASP B 139 -6.05 27.33 -15.67
N ILE B 140 -5.68 26.09 -15.38
CA ILE B 140 -6.08 24.92 -16.19
C ILE B 140 -7.59 24.73 -16.16
N GLN B 141 -8.21 24.77 -17.34
CA GLN B 141 -9.67 24.64 -17.47
C GLN B 141 -10.07 23.16 -17.54
N MET B 142 -11.00 22.80 -16.68
CA MET B 142 -11.53 21.46 -16.65
C MET B 142 -12.94 21.54 -17.15
N THR B 143 -13.20 20.87 -18.27
CA THR B 143 -14.49 20.89 -18.90
C THR B 143 -15.16 19.51 -18.85
N GLN B 144 -16.31 19.45 -18.18
CA GLN B 144 -17.20 18.29 -18.28
C GLN B 144 -18.29 18.62 -19.28
N THR B 145 -18.17 18.03 -20.46
CA THR B 145 -18.98 18.40 -21.64
C THR B 145 -20.49 18.18 -21.45
N THR B 146 -20.85 17.20 -20.63
CA THR B 146 -22.23 16.96 -20.26
C THR B 146 -22.51 17.52 -18.87
N SER B 147 -23.46 18.44 -18.78
CA SER B 147 -23.80 19.09 -17.51
C SER B 147 -24.89 18.31 -16.73
N SER B 148 -25.77 17.64 -17.47
CA SER B 148 -26.90 16.91 -16.89
C SER B 148 -27.08 15.61 -17.64
N LEU B 149 -27.23 14.52 -16.91
CA LEU B 149 -27.45 13.23 -17.53
C LEU B 149 -28.52 12.43 -16.79
N SER B 150 -29.44 11.87 -17.54
CA SER B 150 -30.50 11.04 -16.99
C SER B 150 -30.36 9.59 -17.52
N ALA B 151 -30.28 8.63 -16.59
CA ALA B 151 -30.14 7.20 -16.92
C ALA B 151 -31.03 6.42 -15.96
N SER B 152 -31.16 5.12 -16.19
CA SER B 152 -32.07 4.27 -15.42
C SER B 152 -31.33 3.46 -14.35
N LEU B 153 -32.11 2.90 -13.45
CA LEU B 153 -31.59 2.08 -12.36
C LEU B 153 -30.98 0.79 -12.96
N GLY B 154 -29.84 0.37 -12.43
CA GLY B 154 -29.15 -0.82 -12.93
C GLY B 154 -28.22 -0.60 -14.12
N ASP B 155 -28.29 0.58 -14.73
CA ASP B 155 -27.46 0.90 -15.90
C ASP B 155 -26.00 1.13 -15.56
N ARG B 156 -25.19 1.18 -16.61
CA ARG B 156 -23.80 1.58 -16.56
C ARG B 156 -23.72 2.91 -17.29
N VAL B 157 -22.97 3.86 -16.72
CA VAL B 157 -22.92 5.22 -17.26
C VAL B 157 -21.52 5.83 -17.18
N THR B 158 -21.12 6.51 -18.25
CA THR B 158 -19.78 7.11 -18.33
C THR B 158 -19.86 8.66 -18.28
N ILE B 159 -19.14 9.27 -17.34
CA ILE B 159 -19.06 10.73 -17.27
C ILE B 159 -17.66 11.18 -17.65
N SER B 160 -17.57 12.20 -18.49
CA SER B 160 -16.29 12.62 -19.09
C SER B 160 -15.74 13.96 -18.59
N CYS B 161 -14.41 14.09 -18.63
CA CYS B 161 -13.71 15.29 -18.17
C CYS B 161 -12.48 15.58 -19.04
N ARG B 162 -12.26 16.85 -19.35
CA ARG B 162 -11.19 17.27 -20.25
C ARG B 162 -10.40 18.44 -19.66
N ALA B 163 -9.10 18.42 -19.87
CA ALA B 163 -8.24 19.45 -19.34
C ALA B 163 -7.68 20.26 -20.47
N SER B 164 -7.46 21.55 -20.25
CA SER B 164 -6.83 22.41 -21.26
C SER B 164 -5.38 22.01 -21.56
N GLN B 165 -4.80 21.14 -20.73
CA GLN B 165 -3.38 20.76 -20.75
C GLN B 165 -3.23 19.31 -20.37
N ASP B 166 -2.16 18.67 -20.83
CA ASP B 166 -1.79 17.36 -20.29
C ASP B 166 -1.55 17.51 -18.78
N ILE B 167 -2.32 16.76 -17.99
CA ILE B 167 -2.22 16.78 -16.52
C ILE B 167 -1.61 15.48 -15.93
N THR B 168 -1.07 14.63 -16.81
CA THR B 168 -0.32 13.43 -16.41
C THR B 168 -0.97 12.67 -15.27
N ASN B 169 -2.22 12.28 -15.50
CA ASN B 169 -2.97 11.40 -14.60
C ASN B 169 -3.34 11.98 -13.23
N TYR B 170 -2.92 13.21 -12.91
CA TYR B 170 -3.34 13.84 -11.66
C TYR B 170 -4.76 14.35 -11.77
N LEU B 171 -5.72 13.42 -11.79
CA LEU B 171 -7.12 13.74 -12.00
C LEU B 171 -7.94 12.98 -10.97
N ASN B 172 -8.78 13.70 -10.22
CA ASN B 172 -9.59 13.09 -9.17
C ASN B 172 -11.09 13.32 -9.45
N TRP B 173 -11.94 12.45 -8.90
CA TRP B 173 -13.40 12.54 -9.05
C TRP B 173 -14.09 12.65 -7.68
N TYR B 174 -15.00 13.62 -7.54
CA TYR B 174 -15.81 13.75 -6.33
C TYR B 174 -17.28 13.58 -6.63
N GLN B 175 -18.02 13.12 -5.61
CA GLN B 175 -19.47 12.94 -5.67
C GLN B 175 -20.13 13.85 -4.64
N GLN B 176 -21.05 14.71 -5.08
CA GLN B 176 -21.80 15.57 -4.17
C GLN B 176 -23.26 15.19 -4.15
N LYS B 177 -23.80 14.91 -2.97
CA LYS B 177 -25.20 14.61 -2.84
C LYS B 177 -26.00 15.88 -2.69
N PRO B 178 -27.30 15.82 -2.99
CA PRO B 178 -28.14 17.01 -2.77
C PRO B 178 -28.16 17.58 -1.32
N ASP B 179 -27.65 16.81 -0.36
CA ASP B 179 -27.17 17.30 0.95
C ASP B 179 -26.25 18.52 0.94
N GLY B 180 -25.32 18.54 -0.01
CA GLY B 180 -24.12 19.35 0.10
C GLY B 180 -22.89 18.50 0.42
N THR B 181 -23.10 17.34 1.05
CA THR B 181 -22.00 16.44 1.44
C THR B 181 -21.21 16.00 0.23
N VAL B 182 -19.90 16.02 0.36
CA VAL B 182 -18.99 15.63 -0.71
C VAL B 182 -18.13 14.43 -0.32
N LYS B 183 -17.87 13.54 -1.27
CA LYS B 183 -16.96 12.42 -1.05
C LYS B 183 -16.00 12.23 -2.21
N LEU B 184 -14.78 11.84 -1.88
CA LEU B 184 -13.80 11.45 -2.89
C LEU B 184 -14.12 10.04 -3.34
N LEU B 185 -14.24 9.86 -4.65
CA LEU B 185 -14.48 8.55 -5.24
C LEU B 185 -13.18 7.95 -5.71
N ILE B 186 -12.48 8.71 -6.56
CA ILE B 186 -11.27 8.25 -7.21
C ILE B 186 -10.23 9.36 -7.22
N TYR B 187 -8.98 8.97 -6.98
CA TYR B 187 -7.85 9.88 -7.10
C TYR B 187 -6.80 9.31 -8.04
N TYR B 188 -5.98 10.20 -8.58
CA TYR B 188 -4.91 9.82 -9.50
C TYR B 188 -5.44 8.89 -10.60
N THR B 189 -6.50 9.36 -11.27
CA THR B 189 -7.08 8.71 -12.45
C THR B 189 -7.95 7.46 -12.17
N SER B 190 -7.41 6.49 -11.44
CA SER B 190 -8.08 5.18 -11.32
C SER B 190 -8.16 4.58 -9.94
N ARG B 191 -7.48 5.17 -8.95
CA ARG B 191 -7.42 4.49 -7.66
C ARG B 191 -8.50 4.97 -6.71
N LEU B 192 -9.10 3.99 -6.04
CA LEU B 192 -10.34 4.16 -5.31
C LEU B 192 -10.06 4.51 -3.88
N HIS B 193 -10.78 5.51 -3.40
CA HIS B 193 -10.76 5.86 -1.99
C HIS B 193 -11.42 4.72 -1.21
N SER B 194 -10.93 4.47 0.00
CA SER B 194 -11.47 3.41 0.85
C SER B 194 -12.96 3.60 1.11
N GLY B 195 -13.69 2.49 1.13
CA GLY B 195 -15.13 2.51 1.31
C GLY B 195 -15.91 2.83 0.05
N VAL B 196 -15.22 3.04 -1.07
CA VAL B 196 -15.87 3.30 -2.33
C VAL B 196 -16.02 1.98 -3.08
N PRO B 197 -17.26 1.63 -3.44
CA PRO B 197 -17.48 0.32 -4.07
C PRO B 197 -16.78 0.16 -5.41
N SER B 198 -16.50 -1.07 -5.78
CA SER B 198 -15.81 -1.42 -7.03
C SER B 198 -16.54 -0.95 -8.29
N ARG B 199 -17.85 -0.77 -8.20
CA ARG B 199 -18.63 -0.37 -9.38
C ARG B 199 -18.30 1.04 -9.90
N PHE B 200 -17.67 1.87 -9.07
CA PHE B 200 -17.03 3.10 -9.54
C PHE B 200 -15.63 2.78 -10.00
N SER B 201 -15.26 3.29 -11.17
CA SER B 201 -13.93 3.10 -11.72
C SER B 201 -13.67 4.25 -12.67
N GLY B 202 -12.41 4.68 -12.72
CA GLY B 202 -12.05 5.78 -13.59
C GLY B 202 -10.87 5.42 -14.47
N SER B 203 -10.75 6.13 -15.59
CA SER B 203 -9.64 5.94 -16.49
C SER B 203 -9.31 7.23 -17.23
N GLY B 204 -8.24 7.17 -18.03
CA GLY B 204 -7.83 8.31 -18.85
C GLY B 204 -6.32 8.48 -18.86
N SER B 205 -5.88 9.42 -19.67
CA SER B 205 -4.46 9.72 -19.82
C SER B 205 -4.30 11.06 -20.53
N GLY B 206 -3.20 11.76 -20.23
CA GLY B 206 -2.93 13.02 -20.89
C GLY B 206 -3.94 14.09 -20.51
N THR B 207 -4.89 14.32 -21.42
CA THR B 207 -5.86 15.41 -21.30
C THR B 207 -7.31 14.94 -21.13
N ASP B 208 -7.54 13.64 -21.31
CA ASP B 208 -8.89 13.11 -21.35
C ASP B 208 -9.07 12.02 -20.30
N TYR B 209 -10.14 12.11 -19.54
CA TYR B 209 -10.39 11.21 -18.41
C TYR B 209 -11.88 10.91 -18.33
N SER B 210 -12.24 9.89 -17.57
CA SER B 210 -13.64 9.53 -17.44
C SER B 210 -13.89 8.67 -16.22
N LEU B 211 -15.11 8.77 -15.69
CA LEU B 211 -15.55 8.01 -14.54
C LEU B 211 -16.68 7.15 -15.02
N THR B 212 -16.66 5.88 -14.63
CA THR B 212 -17.68 4.94 -15.04
C THR B 212 -18.29 4.37 -13.80
N ILE B 213 -19.62 4.43 -13.73
CA ILE B 213 -20.37 3.86 -12.64
C ILE B 213 -21.16 2.71 -13.23
N SER B 214 -21.14 1.55 -12.59
CA SER B 214 -21.94 0.39 -13.01
C SER B 214 -22.99 0.07 -11.97
N ASN B 215 -24.04 -0.64 -12.39
CA ASN B 215 -25.17 -0.93 -11.53
C ASN B 215 -25.59 0.27 -10.71
N LEU B 216 -26.22 1.24 -11.39
CA LEU B 216 -26.67 2.44 -10.73
C LEU B 216 -27.68 2.12 -9.65
N GLU B 217 -27.54 2.81 -8.53
CA GLU B 217 -28.40 2.64 -7.38
C GLU B 217 -29.03 3.98 -7.04
N GLN B 218 -30.04 3.95 -6.21
CA GLN B 218 -30.64 5.16 -5.66
C GLN B 218 -29.57 6.08 -5.02
N GLU B 219 -28.61 5.49 -4.31
CA GLU B 219 -27.49 6.20 -3.69
C GLU B 219 -26.68 7.08 -4.63
N ASP B 220 -26.72 6.79 -5.93
CA ASP B 220 -25.85 7.45 -6.89
C ASP B 220 -26.48 8.69 -7.52
N ILE B 221 -27.71 9.04 -7.13
CA ILE B 221 -28.29 10.30 -7.54
C ILE B 221 -27.45 11.39 -6.89
N ALA B 222 -26.68 12.09 -7.71
CA ALA B 222 -25.71 13.06 -7.22
C ALA B 222 -25.09 13.83 -8.38
N THR B 223 -24.21 14.77 -8.05
CA THR B 223 -23.44 15.50 -9.04
C THR B 223 -21.97 15.11 -8.91
N TYR B 224 -21.33 14.85 -10.06
CA TYR B 224 -19.99 14.32 -10.06
C TYR B 224 -19.05 15.33 -10.67
N PHE B 225 -17.93 15.57 -9.98
CA PHE B 225 -16.98 16.63 -10.28
C PHE B 225 -15.59 16.05 -10.47
N CYS B 226 -14.91 16.43 -11.55
CA CYS B 226 -13.49 16.10 -11.70
C CYS B 226 -12.63 17.26 -11.21
N GLN B 227 -11.41 16.95 -10.80
CA GLN B 227 -10.47 17.96 -10.36
C GLN B 227 -9.05 17.59 -10.74
N GLN B 228 -8.29 18.56 -11.25
CA GLN B 228 -6.88 18.37 -11.65
C GLN B 228 -5.97 18.69 -10.48
N ASP B 229 -4.89 17.91 -10.34
CA ASP B 229 -3.92 18.09 -9.25
C ASP B 229 -2.50 18.17 -9.81
N SER B 230 -2.39 18.68 -11.04
CA SER B 230 -1.11 18.78 -11.74
C SER B 230 -0.37 20.07 -11.41
N LYS B 231 -1.11 21.13 -11.14
CA LYS B 231 -0.56 22.48 -11.06
C LYS B 231 -1.42 23.37 -10.17
N HIS B 232 -0.79 24.34 -9.53
CA HIS B 232 -1.51 25.37 -8.79
C HIS B 232 -1.90 26.46 -9.80
N PRO B 233 -3.10 27.02 -9.71
CA PRO B 233 -4.11 26.66 -8.72
C PRO B 233 -4.91 25.44 -9.12
N ARG B 234 -5.34 24.67 -8.14
CA ARG B 234 -6.18 23.51 -8.39
C ARG B 234 -7.48 24.01 -9.01
N THR B 235 -8.03 23.21 -9.92
CA THR B 235 -9.24 23.60 -10.62
C THR B 235 -10.14 22.40 -10.81
N PHE B 236 -11.44 22.67 -10.91
CA PHE B 236 -12.47 21.65 -11.00
C PHE B 236 -13.20 21.81 -12.30
N GLY B 237 -13.90 20.76 -12.71
CA GLY B 237 -14.85 20.84 -13.81
C GLY B 237 -16.17 21.38 -13.29
N GLY B 238 -17.08 21.71 -14.20
CA GLY B 238 -18.36 22.32 -13.82
C GLY B 238 -19.32 21.36 -13.18
N GLY B 239 -19.08 20.06 -13.34
CA GLY B 239 -19.87 19.02 -12.72
C GLY B 239 -20.84 18.42 -13.71
N THR B 240 -21.25 17.18 -13.43
CA THR B 240 -22.27 16.51 -14.21
C THR B 240 -23.31 15.96 -13.26
N LYS B 241 -24.55 16.36 -13.47
CA LYS B 241 -25.63 16.03 -12.57
C LYS B 241 -26.23 14.68 -12.98
N LEU B 242 -26.58 13.84 -12.02
CA LEU B 242 -27.09 12.50 -12.37
C LEU B 242 -28.47 12.26 -11.75
N GLU B 243 -29.49 12.08 -12.58
CA GLU B 243 -30.86 11.82 -12.09
C GLU B 243 -31.31 10.38 -12.39
N ILE B 244 -32.22 9.87 -11.57
CA ILE B 244 -32.51 8.42 -11.44
C ILE B 244 -31.19 7.65 -11.44
N ALA C 6 -0.21 1.04 -10.65
CA ALA C 6 1.28 1.06 -10.57
C ALA C 6 2.02 1.93 -11.62
N PRO C 7 1.39 3.01 -12.14
CA PRO C 7 2.21 3.77 -13.13
C PRO C 7 3.43 4.41 -12.47
N ILE C 8 4.56 4.39 -13.17
CA ILE C 8 5.81 4.94 -12.67
C ILE C 8 6.01 6.29 -13.32
N SER C 9 6.12 7.35 -12.53
CA SER C 9 6.31 8.70 -13.11
C SER C 9 7.77 9.11 -12.97
N VAL C 10 8.32 9.63 -14.05
CA VAL C 10 9.70 10.07 -14.04
C VAL C 10 9.75 11.48 -14.60
N PRO C 11 10.31 12.42 -13.83
CA PRO C 11 10.42 13.76 -14.37
C PRO C 11 11.36 13.76 -15.57
N GLU C 12 11.10 14.65 -16.52
CA GLU C 12 11.92 14.73 -17.71
C GLU C 12 13.23 15.42 -17.38
N ASN C 13 14.23 15.16 -18.22
CA ASN C 13 15.53 15.83 -18.13
C ASN C 13 16.21 15.67 -16.78
N GLY C 14 16.09 14.48 -16.18
CA GLY C 14 16.79 14.18 -14.94
C GLY C 14 18.29 14.25 -15.09
N LYS C 15 18.99 14.58 -14.01
CA LYS C 15 20.44 14.75 -14.01
C LYS C 15 21.19 13.42 -14.06
N GLY C 16 20.55 12.37 -13.59
CA GLY C 16 21.20 11.09 -13.43
C GLY C 16 21.98 11.14 -12.13
N PRO C 17 23.08 10.42 -12.05
CA PRO C 17 23.65 9.65 -13.15
C PRO C 17 22.77 8.51 -13.65
N PHE C 18 23.11 8.00 -14.83
CA PHE C 18 22.42 6.87 -15.42
C PHE C 18 23.40 5.73 -15.66
N PRO C 19 22.95 4.49 -15.52
CA PRO C 19 21.55 4.14 -15.27
C PRO C 19 21.09 4.34 -13.83
N GLN C 20 19.83 4.72 -13.63
CA GLN C 20 19.26 4.91 -12.30
C GLN C 20 18.07 3.99 -12.10
N ARG C 21 17.87 3.52 -10.88
CA ARG C 21 16.72 2.70 -10.56
C ARG C 21 15.46 3.54 -10.53
N LEU C 22 14.34 2.92 -10.88
CA LEU C 22 13.03 3.56 -10.89
C LEU C 22 12.01 2.91 -9.95
N ASN C 23 12.03 1.58 -9.94
CA ASN C 23 10.99 0.80 -9.28
C ASN C 23 11.42 -0.65 -9.30
N GLN C 24 11.05 -1.38 -8.26
CA GLN C 24 11.42 -2.79 -8.15
C GLN C 24 10.25 -3.68 -8.43
N LEU C 25 10.40 -4.53 -9.43
CA LEU C 25 9.40 -5.56 -9.72
C LEU C 25 9.53 -6.65 -8.67
N LYS C 26 8.41 -7.03 -8.05
CA LYS C 26 8.42 -8.04 -6.99
C LYS C 26 7.31 -9.04 -7.19
N SER C 27 7.59 -10.29 -6.85
CA SER C 27 6.60 -11.36 -6.94
C SER C 27 6.28 -11.92 -5.57
N ASN C 28 5.04 -12.33 -5.34
CA ASN C 28 4.68 -12.99 -4.10
C ASN C 28 5.17 -14.46 -3.97
N LYS C 29 5.89 -14.93 -4.96
CA LYS C 29 6.45 -16.28 -4.95
C LYS C 29 7.94 -16.22 -4.65
N ASP C 30 8.46 -15.02 -4.46
CA ASP C 30 9.90 -14.78 -4.40
C ASP C 30 10.64 -15.51 -3.29
N ARG C 31 9.97 -15.67 -2.16
CA ARG C 31 10.57 -16.34 -1.02
C ARG C 31 10.74 -17.82 -1.31
N ASP C 32 9.87 -18.37 -2.15
CA ASP C 32 9.85 -19.80 -2.43
C ASP C 32 10.79 -20.18 -3.57
N THR C 33 10.89 -19.32 -4.56
CA THR C 33 11.80 -19.55 -5.68
C THR C 33 12.55 -18.27 -6.02
N LYS C 34 13.83 -18.39 -6.30
CA LYS C 34 14.65 -17.24 -6.67
C LYS C 34 14.21 -16.82 -8.07
N ILE C 35 13.75 -15.58 -8.21
CA ILE C 35 13.10 -15.11 -9.43
C ILE C 35 13.97 -14.15 -10.21
N PHE C 36 14.03 -14.34 -11.52
CA PHE C 36 14.88 -13.57 -12.42
C PHE C 36 14.00 -12.74 -13.33
N TYR C 37 14.40 -11.49 -13.57
CA TYR C 37 13.56 -10.58 -14.34
C TYR C 37 14.15 -10.18 -15.69
N SER C 38 13.26 -10.00 -16.66
CA SER C 38 13.59 -9.39 -17.94
C SER C 38 12.43 -8.49 -18.37
N ILE C 39 12.71 -7.59 -19.30
CA ILE C 39 11.68 -6.68 -19.81
C ILE C 39 11.68 -6.61 -21.33
N THR C 40 10.51 -6.35 -21.87
CA THR C 40 10.35 -6.17 -23.30
C THR C 40 9.45 -4.98 -23.58
N GLY C 41 9.48 -4.53 -24.83
CA GLY C 41 8.56 -3.50 -25.31
C GLY C 41 9.33 -2.39 -25.98
N PRO C 42 8.61 -1.47 -26.64
CA PRO C 42 9.27 -0.30 -27.21
C PRO C 42 9.82 0.58 -26.09
N GLY C 43 11.14 0.71 -26.04
CA GLY C 43 11.80 1.32 -24.91
C GLY C 43 12.83 0.39 -24.31
N ALA C 44 12.68 -0.92 -24.53
CA ALA C 44 13.63 -1.92 -24.02
C ALA C 44 14.32 -2.70 -25.14
N ASP C 45 13.57 -3.62 -25.78
CA ASP C 45 14.13 -4.49 -26.84
C ASP C 45 13.62 -4.19 -28.24
N SER C 46 12.72 -3.21 -28.35
CA SER C 46 12.36 -2.64 -29.65
C SER C 46 12.50 -1.12 -29.57
N PRO C 47 12.61 -0.45 -30.73
CA PRO C 47 12.95 0.97 -30.73
C PRO C 47 11.97 1.83 -29.93
N PRO C 48 12.45 2.80 -29.17
CA PRO C 48 13.87 3.09 -29.01
C PRO C 48 14.56 2.10 -28.06
N GLU C 49 15.58 1.40 -28.54
CA GLU C 49 16.18 0.28 -27.80
C GLU C 49 17.12 0.73 -26.70
N GLY C 50 17.02 0.07 -25.55
CA GLY C 50 17.95 0.29 -24.47
C GLY C 50 17.75 1.56 -23.66
N VAL C 51 16.54 2.13 -23.69
CA VAL C 51 16.23 3.29 -22.85
C VAL C 51 16.01 2.83 -21.41
N PHE C 52 15.26 1.73 -21.30
CA PHE C 52 14.98 1.07 -20.04
C PHE C 52 15.67 -0.28 -20.02
N ALA C 53 15.96 -0.75 -18.81
CA ALA C 53 16.59 -2.06 -18.62
C ALA C 53 16.12 -2.60 -17.27
N VAL C 54 16.53 -3.80 -16.91
CA VAL C 54 16.24 -4.32 -15.58
C VAL C 54 17.40 -5.13 -15.06
N GLU C 55 17.61 -5.07 -13.74
CA GLU C 55 18.61 -5.89 -13.06
C GLU C 55 18.03 -7.30 -12.91
N LYS C 56 18.62 -8.27 -13.61
CA LYS C 56 18.09 -9.63 -13.65
C LYS C 56 17.79 -10.23 -12.28
N GLU C 57 18.74 -10.08 -11.37
CA GLU C 57 18.66 -10.80 -10.10
C GLU C 57 17.84 -10.07 -9.02
N THR C 58 17.59 -8.78 -9.18
CA THR C 58 16.88 -8.00 -8.16
C THR C 58 15.50 -7.54 -8.59
N GLY C 59 15.26 -7.39 -9.88
CA GLY C 59 13.97 -6.89 -10.38
C GLY C 59 13.87 -5.37 -10.48
N TRP C 60 14.99 -4.69 -10.24
CA TRP C 60 15.00 -3.25 -10.25
C TRP C 60 14.99 -2.76 -11.68
N LEU C 61 13.90 -2.08 -12.01
CA LEU C 61 13.79 -1.34 -13.26
C LEU C 61 14.80 -0.19 -13.33
N LEU C 62 15.52 -0.09 -14.45
CA LEU C 62 16.54 0.94 -14.65
C LEU C 62 16.17 1.84 -15.81
N LEU C 63 16.48 3.14 -15.67
CA LEU C 63 16.41 4.10 -16.74
C LEU C 63 17.83 4.48 -17.16
N ASN C 64 18.16 4.35 -18.44
CA ASN C 64 19.53 4.51 -18.93
C ASN C 64 19.87 5.89 -19.51
N LYS C 65 18.89 6.76 -19.65
CA LYS C 65 19.09 8.03 -20.35
C LYS C 65 18.03 9.01 -19.84
N PRO C 66 18.29 10.32 -19.93
CA PRO C 66 17.24 11.27 -19.56
C PRO C 66 16.07 11.20 -20.51
N LEU C 67 14.86 11.39 -20.00
CA LEU C 67 13.66 11.30 -20.80
C LEU C 67 13.17 12.67 -21.24
N ASP C 68 12.76 12.77 -22.50
CA ASP C 68 12.29 14.00 -23.11
C ASP C 68 10.83 13.79 -23.46
N ARG C 69 9.97 14.50 -22.75
CA ARG C 69 8.52 14.41 -22.95
C ARG C 69 8.05 14.87 -24.33
N GLU C 70 8.80 15.78 -24.95
CA GLU C 70 8.47 16.26 -26.29
C GLU C 70 8.67 15.15 -27.34
N GLU C 71 9.64 14.26 -27.11
CA GLU C 71 9.88 13.12 -27.99
C GLU C 71 8.87 11.99 -27.73
N ILE C 72 8.83 11.51 -26.49
CA ILE C 72 7.93 10.43 -26.09
C ILE C 72 7.43 10.65 -24.65
N ALA C 73 6.11 10.71 -24.51
CA ALA C 73 5.44 11.12 -23.27
C ALA C 73 5.15 9.97 -22.30
N LYS C 74 5.16 8.75 -22.84
CA LYS C 74 4.63 7.60 -22.13
C LYS C 74 5.27 6.35 -22.72
N TYR C 75 5.50 5.34 -21.89
CA TYR C 75 5.97 4.03 -22.36
C TYR C 75 5.14 2.91 -21.75
N GLU C 76 4.91 1.86 -22.53
CA GLU C 76 4.24 0.65 -22.04
C GLU C 76 5.15 -0.56 -22.28
N LEU C 77 5.62 -1.17 -21.19
CA LEU C 77 6.55 -2.29 -21.25
C LEU C 77 5.98 -3.50 -20.53
N PHE C 78 6.69 -4.61 -20.66
CA PHE C 78 6.27 -5.87 -20.08
C PHE C 78 7.39 -6.47 -19.27
N GLY C 79 7.06 -6.83 -18.04
CA GLY C 79 8.00 -7.49 -17.14
C GLY C 79 7.76 -9.00 -17.21
N HIS C 80 8.84 -9.76 -17.09
CA HIS C 80 8.79 -11.21 -17.18
C HIS C 80 9.55 -11.81 -16.02
N ALA C 81 8.88 -12.67 -15.24
CA ALA C 81 9.46 -13.35 -14.09
C ALA C 81 9.63 -14.84 -14.35
N VAL C 82 10.87 -15.31 -14.30
CA VAL C 82 11.15 -16.73 -14.47
C VAL C 82 11.90 -17.24 -13.26
N SER C 83 11.81 -18.54 -13.02
CA SER C 83 12.60 -19.19 -11.97
C SER C 83 14.02 -19.40 -12.47
N GLU C 84 14.85 -20.06 -11.66
CA GLU C 84 16.26 -20.22 -11.96
C GLU C 84 16.45 -21.07 -13.21
N ASN C 85 15.64 -22.11 -13.35
CA ASN C 85 15.71 -22.98 -14.54
C ASN C 85 15.05 -22.38 -15.79
N GLY C 86 14.43 -21.21 -15.69
CA GLY C 86 13.88 -20.51 -16.86
C GLY C 86 12.37 -20.62 -17.04
N ALA C 87 11.71 -21.34 -16.13
CA ALA C 87 10.26 -21.50 -16.16
C ALA C 87 9.56 -20.24 -15.70
N SER C 88 8.61 -19.77 -16.49
CA SER C 88 7.79 -18.63 -16.13
C SER C 88 6.99 -18.90 -14.87
N VAL C 89 6.81 -17.88 -14.04
CA VAL C 89 5.97 -18.02 -12.81
C VAL C 89 4.76 -17.08 -12.79
N GLU C 90 4.60 -16.23 -13.79
CA GLU C 90 3.40 -15.41 -13.95
C GLU C 90 3.23 -15.02 -15.43
N ASP C 91 2.06 -14.49 -15.76
CA ASP C 91 1.86 -13.85 -17.06
C ASP C 91 2.72 -12.61 -17.13
N PRO C 92 2.99 -12.09 -18.34
CA PRO C 92 3.69 -10.82 -18.46
C PRO C 92 2.99 -9.74 -17.64
N MET C 93 3.78 -8.95 -16.91
CA MET C 93 3.27 -7.91 -16.03
C MET C 93 3.39 -6.59 -16.76
N ASN C 94 2.30 -5.82 -16.77
CA ASN C 94 2.29 -4.53 -17.46
C ASN C 94 3.01 -3.44 -16.67
N ILE C 95 3.88 -2.71 -17.37
CA ILE C 95 4.63 -1.62 -16.78
C ILE C 95 4.39 -0.34 -17.55
N SER C 96 3.72 0.62 -16.90
CA SER C 96 3.46 1.92 -17.49
C SER C 96 4.41 2.93 -16.93
N ILE C 97 4.96 3.76 -17.80
CA ILE C 97 5.92 4.77 -17.42
C ILE C 97 5.48 6.10 -18.03
N ILE C 98 5.16 7.06 -17.16
CA ILE C 98 4.69 8.38 -17.56
C ILE C 98 5.78 9.42 -17.33
N VAL C 99 6.03 10.29 -18.32
CA VAL C 99 7.02 11.35 -18.16
C VAL C 99 6.35 12.66 -17.71
N THR C 100 6.85 13.24 -16.63
CA THR C 100 6.30 14.46 -16.05
C THR C 100 7.18 15.65 -16.38
N ASP C 101 6.56 16.82 -16.22
CA ASP C 101 7.01 18.09 -16.74
C ASP C 101 6.44 19.10 -15.76
N GLN D 1 -12.06 -12.46 2.64
CA GLN D 1 -12.82 -13.35 1.72
C GLN D 1 -11.93 -14.25 0.84
N VAL D 2 -10.62 -14.21 1.07
CA VAL D 2 -9.78 -15.32 0.65
C VAL D 2 -10.17 -16.52 1.50
N GLN D 3 -10.52 -17.63 0.85
CA GLN D 3 -10.97 -18.85 1.52
C GLN D 3 -10.27 -20.07 0.99
N LEU D 4 -9.90 -20.98 1.89
CA LEU D 4 -9.37 -22.28 1.51
C LEU D 4 -10.19 -23.38 2.22
N GLN D 5 -11.03 -24.07 1.44
CA GLN D 5 -11.88 -25.14 1.97
C GLN D 5 -11.19 -26.50 1.81
N GLU D 6 -10.87 -27.15 2.93
CA GLU D 6 -10.27 -28.48 2.90
C GLU D 6 -11.32 -29.60 3.07
N SER D 7 -10.97 -30.81 2.60
CA SER D 7 -11.94 -31.90 2.39
C SER D 7 -12.52 -32.70 3.56
N GLY D 8 -12.02 -32.56 4.77
CA GLY D 8 -12.66 -33.26 5.90
C GLY D 8 -12.21 -34.71 6.11
N PRO D 9 -12.54 -35.25 7.28
CA PRO D 9 -11.71 -36.29 7.89
C PRO D 9 -11.60 -37.64 7.16
N GLU D 10 -10.40 -38.21 7.22
CA GLU D 10 -10.09 -39.48 6.57
C GLU D 10 -9.78 -40.58 7.60
N LEU D 11 -10.31 -41.77 7.36
CA LEU D 11 -10.02 -42.95 8.18
C LEU D 11 -9.71 -44.11 7.25
N VAL D 12 -8.41 -44.46 7.15
CA VAL D 12 -7.96 -45.55 6.27
C VAL D 12 -7.03 -46.54 6.97
N LYS D 13 -6.82 -47.67 6.31
CA LYS D 13 -5.98 -48.74 6.86
C LYS D 13 -4.51 -48.58 6.44
N PRO D 14 -3.58 -49.17 7.22
CA PRO D 14 -2.17 -49.08 6.87
C PRO D 14 -1.88 -49.61 5.46
N GLY D 15 -0.98 -48.94 4.76
CA GLY D 15 -0.58 -49.34 3.42
C GLY D 15 -1.35 -48.64 2.31
N ALA D 16 -2.45 -47.97 2.66
CA ALA D 16 -3.29 -47.30 1.69
C ALA D 16 -2.75 -45.93 1.31
N SER D 17 -3.38 -45.32 0.31
CA SER D 17 -3.14 -43.94 -0.04
C SER D 17 -4.40 -43.12 0.21
N VAL D 18 -4.22 -41.81 0.40
CA VAL D 18 -5.33 -40.86 0.42
C VAL D 18 -4.94 -39.66 -0.41
N LYS D 19 -5.93 -39.04 -1.07
CA LYS D 19 -5.80 -37.69 -1.62
C LYS D 19 -6.70 -36.78 -0.86
N MET D 20 -6.17 -35.65 -0.41
CA MET D 20 -6.99 -34.59 0.19
C MET D 20 -6.95 -33.34 -0.72
N SER D 21 -8.06 -32.62 -0.74
CA SER D 21 -8.23 -31.49 -1.63
C SER D 21 -8.23 -30.21 -0.81
N CYS D 22 -7.81 -29.13 -1.45
CA CYS D 22 -7.88 -27.81 -0.88
C CYS D 22 -8.41 -26.83 -1.92
N LYS D 23 -9.67 -26.45 -1.76
CA LYS D 23 -10.37 -25.61 -2.74
C LYS D 23 -10.21 -24.13 -2.41
N ALA D 24 -9.57 -23.40 -3.33
CA ALA D 24 -9.31 -21.98 -3.18
C ALA D 24 -10.44 -21.15 -3.79
N SER D 25 -10.71 -20.00 -3.18
CA SER D 25 -11.66 -19.01 -3.71
C SER D 25 -11.36 -17.61 -3.17
N GLY D 26 -11.83 -16.60 -3.89
CA GLY D 26 -11.64 -15.19 -3.49
C GLY D 26 -10.34 -14.57 -3.99
N TYR D 27 -9.64 -15.26 -4.89
CA TYR D 27 -8.40 -14.76 -5.48
C TYR D 27 -8.00 -15.58 -6.71
N SER D 28 -6.97 -15.12 -7.40
CA SER D 28 -6.51 -15.79 -8.61
C SER D 28 -5.60 -16.95 -8.23
N PHE D 29 -6.16 -18.16 -8.32
CA PHE D 29 -5.52 -19.39 -7.85
C PHE D 29 -4.05 -19.56 -8.24
N THR D 30 -3.71 -19.26 -9.48
CA THR D 30 -2.34 -19.48 -9.98
C THR D 30 -1.33 -18.37 -9.62
N ALA D 31 -1.78 -17.28 -9.01
CA ALA D 31 -0.89 -16.16 -8.71
C ALA D 31 -0.22 -16.29 -7.35
N TYR D 32 -0.55 -17.33 -6.60
CA TYR D 32 0.05 -17.58 -5.30
C TYR D 32 0.45 -19.05 -5.13
N ASN D 33 1.60 -19.29 -4.52
CA ASN D 33 2.03 -20.65 -4.19
C ASN D 33 1.20 -21.23 -3.07
N MET D 34 1.08 -22.56 -3.05
CA MET D 34 0.29 -23.26 -2.06
C MET D 34 1.16 -24.23 -1.27
N HIS D 35 1.20 -24.02 0.04
CA HIS D 35 2.04 -24.81 0.93
C HIS D 35 1.17 -25.76 1.73
N TRP D 36 1.76 -26.87 2.15
CA TRP D 36 1.05 -27.82 3.00
C TRP D 36 1.85 -28.06 4.26
N VAL D 37 1.16 -28.29 5.38
CA VAL D 37 1.84 -28.57 6.63
C VAL D 37 1.10 -29.63 7.41
N LYS D 38 1.83 -30.31 8.29
CA LYS D 38 1.31 -31.40 9.10
C LYS D 38 1.43 -31.01 10.56
N GLN D 39 0.43 -31.35 11.37
CA GLN D 39 0.64 -31.34 12.83
C GLN D 39 0.03 -32.55 13.53
N SER D 40 0.91 -33.26 14.23
CA SER D 40 0.54 -34.44 14.98
C SER D 40 0.28 -34.10 16.42
N HIS D 41 -0.76 -34.70 17.01
CA HIS D 41 -0.99 -34.67 18.47
C HIS D 41 0.21 -35.19 19.27
N LYS D 43 1.57 -31.84 19.04
CA LYS D 43 0.97 -30.67 18.35
C LYS D 43 1.93 -29.80 17.50
N SER D 44 3.20 -30.19 17.39
CA SER D 44 4.18 -29.39 16.64
C SER D 44 3.91 -29.46 15.11
N LEU D 45 4.34 -28.40 14.44
CA LEU D 45 3.98 -28.17 13.06
C LEU D 45 5.17 -28.42 12.16
N GLU D 46 4.94 -29.18 11.07
CA GLU D 46 6.00 -29.56 10.16
C GLU D 46 5.64 -29.14 8.72
N TRP D 47 6.63 -28.60 8.02
CA TRP D 47 6.41 -28.12 6.68
C TRP D 47 6.62 -29.27 5.71
N ILE D 48 5.63 -29.51 4.87
CA ILE D 48 5.67 -30.60 3.90
C ILE D 48 6.34 -30.18 2.59
N GLY D 49 5.90 -29.05 2.06
CA GLY D 49 6.38 -28.56 0.78
C GLY D 49 5.40 -27.56 0.19
N PHE D 50 5.66 -27.15 -1.05
CA PHE D 50 4.77 -26.24 -1.76
C PHE D 50 4.70 -26.59 -3.24
N ILE D 51 3.61 -26.17 -3.87
CA ILE D 51 3.50 -26.21 -5.32
C ILE D 51 3.18 -24.83 -5.86
N ASP D 52 3.80 -24.51 -6.98
CA ASP D 52 3.47 -23.30 -7.71
C ASP D 52 2.47 -23.73 -8.79
N PRO D 53 1.19 -23.38 -8.62
CA PRO D 53 0.18 -23.87 -9.54
C PRO D 53 0.27 -23.28 -10.94
N TYR D 54 1.02 -22.19 -11.10
CA TYR D 54 1.25 -21.59 -12.42
C TYR D 54 2.27 -22.38 -13.26
N SER D 55 3.45 -22.61 -12.68
CA SER D 55 4.53 -23.30 -13.36
C SER D 55 4.49 -24.80 -13.16
N GLY D 56 3.97 -25.24 -12.02
CA GLY D 56 3.94 -26.65 -11.67
C GLY D 56 5.18 -27.08 -10.88
N ILE D 57 6.10 -26.15 -10.65
CA ILE D 57 7.27 -26.41 -9.84
C ILE D 57 6.86 -26.82 -8.42
N ILE D 58 7.43 -27.91 -7.93
CA ILE D 58 7.19 -28.40 -6.58
C ILE D 58 8.51 -28.50 -5.83
N THR D 59 8.46 -28.21 -4.54
CA THR D 59 9.61 -28.36 -3.65
C THR D 59 9.13 -29.06 -2.39
N TYR D 60 9.78 -30.17 -2.05
CA TYR D 60 9.41 -30.97 -0.88
C TYR D 60 10.43 -30.79 0.24
N ASN D 61 9.95 -30.81 1.47
CA ASN D 61 10.81 -31.09 2.59
C ASN D 61 11.36 -32.49 2.37
N GLN D 62 12.68 -32.63 2.47
CA GLN D 62 13.35 -33.92 2.35
C GLN D 62 12.64 -35.00 3.19
N THR D 63 12.13 -34.60 4.35
CA THR D 63 11.34 -35.49 5.22
C THR D 63 10.12 -36.13 4.54
N PHE D 64 9.43 -35.40 3.67
CA PHE D 64 8.20 -35.89 3.05
C PHE D 64 8.39 -36.35 1.61
N LYS D 65 9.62 -36.34 1.13
CA LYS D 65 9.93 -36.78 -0.22
C LYS D 65 9.58 -38.26 -0.36
N GLY D 66 8.68 -38.57 -1.28
CA GLY D 66 8.18 -39.93 -1.48
C GLY D 66 6.88 -40.21 -0.72
N LYS D 67 6.74 -39.66 0.48
CA LYS D 67 5.50 -39.81 1.25
C LYS D 67 4.35 -38.96 0.69
N ALA D 68 4.65 -37.76 0.21
CA ALA D 68 3.62 -36.82 -0.23
C ALA D 68 3.79 -36.43 -1.68
N THR D 69 2.66 -36.30 -2.38
CA THR D 69 2.66 -35.89 -3.76
C THR D 69 1.72 -34.70 -3.95
N LEU D 70 2.27 -33.58 -4.39
CA LEU D 70 1.48 -32.37 -4.59
C LEU D 70 1.12 -32.18 -6.06
N THR D 71 -0.16 -31.90 -6.31
CA THR D 71 -0.64 -31.56 -7.63
C THR D 71 -1.68 -30.47 -7.51
N VAL D 72 -2.11 -29.93 -8.64
CA VAL D 72 -3.20 -28.96 -8.67
C VAL D 72 -4.11 -29.24 -9.86
N ASP D 73 -5.38 -28.86 -9.73
CA ASP D 73 -6.29 -28.75 -10.87
C ASP D 73 -6.59 -27.26 -11.09
N LYS D 74 -6.00 -26.68 -12.13
CA LYS D 74 -6.21 -25.26 -12.41
C LYS D 74 -7.67 -24.94 -12.68
N SER D 75 -8.39 -25.85 -13.36
CA SER D 75 -9.77 -25.57 -13.81
C SER D 75 -10.76 -25.45 -12.66
N SER D 76 -10.44 -26.05 -11.52
CA SER D 76 -11.35 -26.02 -10.38
C SER D 76 -10.78 -25.25 -9.19
N SER D 77 -9.65 -24.59 -9.37
CA SER D 77 -8.94 -23.90 -8.28
C SER D 77 -8.72 -24.79 -7.06
N THR D 78 -8.23 -26.00 -7.29
CA THR D 78 -8.07 -26.98 -6.22
C THR D 78 -6.65 -27.52 -6.20
N ALA D 79 -6.06 -27.51 -5.00
CA ALA D 79 -4.75 -28.12 -4.76
C ALA D 79 -4.95 -29.47 -4.09
N TYR D 80 -4.10 -30.43 -4.44
CA TYR D 80 -4.19 -31.77 -3.88
C TYR D 80 -2.89 -32.25 -3.24
N MET D 81 -3.03 -33.01 -2.16
CA MET D 81 -1.91 -33.74 -1.59
C MET D 81 -2.31 -35.20 -1.47
N GLN D 82 -1.53 -36.07 -2.10
CA GLN D 82 -1.68 -37.48 -1.95
C GLN D 82 -0.66 -37.93 -0.93
N LEU D 83 -1.08 -38.76 0.02
CA LEU D 83 -0.15 -39.35 0.97
C LEU D 83 -0.19 -40.86 0.78
N ASN D 84 0.99 -41.45 0.59
CA ASN D 84 1.09 -42.86 0.21
C ASN D 84 1.77 -43.69 1.30
N SER D 85 1.67 -45.01 1.18
CA SER D 85 2.32 -45.96 2.10
C SER D 85 2.04 -45.60 3.55
N LEU D 86 0.74 -45.50 3.87
CA LEU D 86 0.34 -44.92 5.14
C LEU D 86 0.62 -45.82 6.33
N THR D 87 1.15 -45.20 7.37
CA THR D 87 1.28 -45.84 8.68
C THR D 87 0.66 -44.95 9.77
N SER D 88 0.58 -45.50 10.98
CA SER D 88 0.07 -44.77 12.14
C SER D 88 0.80 -43.44 12.41
N GLU D 89 2.06 -43.35 11.95
CA GLU D 89 2.90 -42.17 12.11
C GLU D 89 2.46 -41.03 11.19
N ASP D 90 1.61 -41.35 10.20
CA ASP D 90 1.03 -40.34 9.32
C ASP D 90 -0.27 -39.77 9.90
N SER D 91 -0.79 -40.38 10.97
CA SER D 91 -1.98 -39.83 11.62
C SER D 91 -1.70 -38.44 12.15
N ALA D 92 -2.42 -37.46 11.60
CA ALA D 92 -2.23 -36.06 11.93
C ALA D 92 -3.35 -35.21 11.33
N VAL D 93 -3.34 -33.93 11.68
CA VAL D 93 -4.19 -32.95 11.02
C VAL D 93 -3.30 -32.23 10.01
N TYR D 94 -3.77 -32.16 8.78
CA TYR D 94 -2.99 -31.59 7.70
C TYR D 94 -3.62 -30.30 7.23
N TYR D 95 -2.76 -29.39 6.78
CA TYR D 95 -3.19 -28.05 6.46
C TYR D 95 -2.75 -27.58 5.09
N CYS D 96 -3.61 -26.73 4.57
CA CYS D 96 -3.46 -26.04 3.33
C CYS D 96 -3.08 -24.62 3.71
N ALA D 97 -2.08 -24.02 3.06
CA ALA D 97 -1.76 -22.60 3.37
C ALA D 97 -1.12 -21.79 2.23
N ARG D 98 -1.69 -20.62 1.95
CA ARG D 98 -1.23 -19.78 0.86
C ARG D 98 -0.01 -18.95 1.22
N ARG D 99 0.99 -18.95 0.34
CA ARG D 99 2.13 -18.04 0.44
C ARG D 99 1.67 -16.64 0.09
N GLY D 100 1.82 -15.72 1.06
CA GLY D 100 1.17 -14.41 1.00
C GLY D 100 1.97 -13.28 0.40
N TYR D 101 3.27 -13.22 0.72
CA TYR D 101 4.05 -12.03 0.42
C TYR D 101 5.49 -12.31 0.02
N TYR D 102 6.05 -11.37 -0.73
CA TYR D 102 7.47 -11.33 -1.09
C TYR D 102 8.41 -11.62 0.09
N ASP D 103 8.10 -11.04 1.24
CA ASP D 103 8.93 -11.18 2.44
C ASP D 103 8.56 -12.40 3.29
N GLY D 104 7.60 -13.21 2.84
CA GLY D 104 7.27 -14.47 3.51
C GLY D 104 5.91 -14.44 4.15
N GLY D 105 5.65 -15.44 4.99
CA GLY D 105 4.38 -15.59 5.67
C GLY D 105 3.47 -16.46 4.86
N PHE D 106 2.58 -17.19 5.54
CA PHE D 106 1.49 -17.91 4.89
C PHE D 106 0.25 -17.19 5.37
N ASP D 107 -0.39 -16.45 4.48
CA ASP D 107 -1.37 -15.44 4.92
C ASP D 107 -2.78 -15.98 5.12
N TYR D 108 -3.11 -17.10 4.50
CA TYR D 108 -4.43 -17.72 4.69
C TYR D 108 -4.31 -19.23 4.75
N TRP D 109 -5.08 -19.84 5.65
CA TRP D 109 -4.98 -21.26 5.95
C TRP D 109 -6.34 -21.89 5.78
N GLY D 110 -6.35 -23.14 5.32
CA GLY D 110 -7.56 -23.95 5.37
C GLY D 110 -7.78 -24.42 6.79
N GLN D 111 -8.97 -24.96 7.04
CA GLN D 111 -9.37 -25.38 8.40
C GLN D 111 -8.69 -26.67 8.84
N GLY D 112 -8.09 -27.39 7.91
CA GLY D 112 -7.41 -28.64 8.22
C GLY D 112 -8.22 -29.88 7.87
N THR D 113 -7.52 -30.96 7.54
CA THR D 113 -8.11 -32.26 7.28
C THR D 113 -7.48 -33.28 8.22
N THR D 114 -8.30 -33.95 9.02
CA THR D 114 -7.81 -34.95 9.98
C THR D 114 -7.67 -36.32 9.32
N LEU D 115 -6.47 -36.90 9.44
CA LEU D 115 -6.20 -38.24 8.93
C LEU D 115 -5.88 -39.15 10.11
N THR D 116 -6.60 -40.26 10.19
CA THR D 116 -6.34 -41.29 11.18
C THR D 116 -6.04 -42.59 10.46
N VAL D 117 -4.86 -43.15 10.71
CA VAL D 117 -4.47 -44.44 10.16
C VAL D 117 -4.54 -45.49 11.25
N SER D 118 -5.51 -46.40 11.11
CA SER D 118 -5.46 -47.75 11.66
C SER D 118 -6.23 -48.65 10.71
N ILE D 138 21.58 -28.58 10.02
CA ILE D 138 21.14 -28.67 8.62
C ILE D 138 19.69 -28.19 8.48
N ASP D 139 18.83 -28.49 9.46
CA ASP D 139 17.44 -28.02 9.51
C ASP D 139 17.40 -26.95 10.58
N ILE D 140 16.98 -25.74 10.22
CA ILE D 140 16.96 -24.63 11.19
C ILE D 140 15.96 -24.91 12.30
N GLN D 141 16.47 -24.98 13.52
CA GLN D 141 15.65 -25.27 14.67
C GLN D 141 15.09 -23.97 15.23
N MET D 142 13.77 -23.97 15.43
CA MET D 142 13.09 -22.86 16.05
C MET D 142 12.66 -23.33 17.43
N THR D 143 13.20 -22.69 18.46
CA THR D 143 12.88 -23.02 19.85
C THR D 143 12.08 -21.88 20.49
N GLN D 144 10.86 -22.17 20.91
CA GLN D 144 10.12 -21.29 21.80
C GLN D 144 10.32 -21.81 23.20
N THR D 145 11.15 -21.09 23.96
CA THR D 145 11.68 -21.55 25.25
C THR D 145 10.59 -21.81 26.31
N THR D 146 9.49 -21.06 26.24
CA THR D 146 8.33 -21.33 27.10
C THR D 146 7.23 -22.01 26.27
N SER D 147 6.82 -23.19 26.73
CA SER D 147 5.79 -23.96 26.05
C SER D 147 4.38 -23.56 26.51
N SER D 148 4.29 -23.09 27.75
CA SER D 148 3.04 -22.71 28.36
C SER D 148 3.23 -21.35 29.02
N LEU D 149 2.25 -20.48 28.88
CA LEU D 149 2.29 -19.16 29.52
C LEU D 149 0.97 -18.90 30.22
N SER D 150 1.05 -18.38 31.43
CA SER D 150 -0.12 -17.96 32.16
C SER D 150 -0.09 -16.45 32.35
N ALA D 151 -1.20 -15.80 32.01
CA ALA D 151 -1.37 -14.38 32.32
C ALA D 151 -2.84 -14.01 32.44
N SER D 152 -3.09 -12.78 32.89
CA SER D 152 -4.44 -12.31 33.19
C SER D 152 -5.02 -11.42 32.09
N LEU D 153 -6.32 -11.19 32.18
CA LEU D 153 -7.04 -10.35 31.23
C LEU D 153 -6.54 -8.91 31.35
N GLY D 154 -6.36 -8.23 30.22
CA GLY D 154 -5.88 -6.86 30.22
C GLY D 154 -4.36 -6.70 30.29
N ASP D 155 -3.63 -7.78 30.54
CA ASP D 155 -2.18 -7.74 30.63
C ASP D 155 -1.48 -7.56 29.27
N ARG D 156 -0.19 -7.29 29.36
CA ARG D 156 0.72 -7.28 28.22
C ARG D 156 1.65 -8.46 28.41
N VAL D 157 1.91 -9.20 27.34
CA VAL D 157 2.68 -10.45 27.43
C VAL D 157 3.60 -10.67 26.24
N THR D 158 4.82 -11.13 26.52
CA THR D 158 5.83 -11.34 25.51
C THR D 158 6.10 -12.83 25.29
N ILE D 159 5.97 -13.29 24.05
CA ILE D 159 6.32 -14.67 23.70
C ILE D 159 7.58 -14.67 22.85
N SER D 160 8.52 -15.54 23.17
CA SER D 160 9.84 -15.51 22.54
C SER D 160 10.13 -16.69 21.59
N CYS D 161 10.99 -16.44 20.60
CA CYS D 161 11.35 -17.44 19.60
C CYS D 161 12.82 -17.27 19.20
N ARG D 162 13.50 -18.40 19.04
CA ARG D 162 14.94 -18.40 18.83
C ARG D 162 15.30 -19.37 17.69
N ALA D 163 16.23 -18.96 16.85
CA ALA D 163 16.60 -19.74 15.69
C ALA D 163 18.01 -20.25 15.91
N SER D 164 18.29 -21.44 15.41
CA SER D 164 19.64 -22.01 15.51
C SER D 164 20.67 -21.16 14.78
N GLN D 165 20.22 -20.22 13.96
CA GLN D 165 21.11 -19.33 13.22
C GLN D 165 20.43 -18.03 12.85
N ASP D 166 21.25 -17.10 12.36
CA ASP D 166 20.74 -15.83 11.89
C ASP D 166 19.78 -16.07 10.72
N ILE D 167 18.52 -15.65 10.90
CA ILE D 167 17.49 -15.77 9.85
C ILE D 167 17.08 -14.40 9.22
N THR D 168 17.86 -13.36 9.51
CA THR D 168 17.70 -12.02 8.91
C THR D 168 16.24 -11.60 8.80
N ASN D 169 15.54 -11.58 9.92
CA ASN D 169 14.17 -11.06 10.04
C ASN D 169 13.06 -11.84 9.33
N TYR D 170 13.40 -12.91 8.62
CA TYR D 170 12.36 -13.73 8.01
C TYR D 170 11.71 -14.61 9.04
N LEU D 171 10.91 -13.99 9.91
CA LEU D 171 10.29 -14.69 11.03
C LEU D 171 8.82 -14.28 11.06
N ASN D 172 7.92 -15.27 11.08
CA ASN D 172 6.48 -15.01 11.08
C ASN D 172 5.84 -15.63 12.31
N TRP D 173 4.69 -15.09 12.72
CA TRP D 173 3.96 -15.57 13.89
C TRP D 173 2.54 -15.98 13.50
N TYR D 174 2.12 -17.18 13.94
CA TYR D 174 0.75 -17.64 13.73
C TYR D 174 0.04 -17.85 15.07
N GLN D 175 -1.28 -17.73 15.03
CA GLN D 175 -2.16 -17.97 16.18
C GLN D 175 -3.12 -19.11 15.86
N GLN D 176 -3.11 -20.15 16.68
CA GLN D 176 -4.03 -21.29 16.50
C GLN D 176 -5.01 -21.37 17.64
N LYS D 177 -6.30 -21.41 17.33
CA LYS D 177 -7.33 -21.57 18.35
C LYS D 177 -7.58 -23.05 18.65
N PRO D 178 -7.99 -23.40 19.90
CA PRO D 178 -8.51 -24.73 20.13
C PRO D 178 -9.78 -24.88 19.30
N ASP D 179 -9.69 -25.63 18.21
CA ASP D 179 -10.61 -25.51 17.09
C ASP D 179 -9.84 -26.03 15.91
N GLY D 180 -8.57 -25.60 15.82
CA GLY D 180 -7.70 -25.97 14.73
C GLY D 180 -7.42 -24.82 13.78
N THR D 181 -8.32 -23.84 13.72
CA THR D 181 -8.17 -22.69 12.81
C THR D 181 -6.88 -21.94 13.09
N VAL D 182 -6.18 -21.57 12.01
CA VAL D 182 -4.92 -20.86 12.10
C VAL D 182 -5.00 -19.51 11.39
N LYS D 183 -4.37 -18.50 11.98
CA LYS D 183 -4.29 -17.19 11.34
C LYS D 183 -2.89 -16.61 11.44
N LEU D 184 -2.49 -15.92 10.38
CA LEU D 184 -1.23 -15.20 10.37
C LEU D 184 -1.44 -13.90 11.13
N LEU D 185 -0.56 -13.64 12.10
CA LEU D 185 -0.59 -12.40 12.86
C LEU D 185 0.41 -11.42 12.28
N ILE D 186 1.66 -11.86 12.21
CA ILE D 186 2.78 -11.04 11.81
C ILE D 186 3.68 -11.79 10.86
N TYR D 187 4.17 -11.09 9.83
CA TYR D 187 5.18 -11.64 8.95
C TYR D 187 6.37 -10.70 8.87
N TYR D 188 7.51 -11.27 8.48
CA TYR D 188 8.75 -10.53 8.37
C TYR D 188 9.02 -9.69 9.63
N THR D 189 9.00 -10.37 10.77
CA THR D 189 9.36 -9.80 12.07
C THR D 189 8.34 -8.86 12.70
N SER D 190 7.87 -7.85 11.97
CA SER D 190 7.04 -6.79 12.57
C SER D 190 5.80 -6.35 11.80
N ARG D 191 5.60 -6.84 10.58
CA ARG D 191 4.51 -6.37 9.74
C ARG D 191 3.25 -7.18 9.94
N LEU D 192 2.14 -6.46 10.09
CA LEU D 192 0.87 -7.04 10.52
C LEU D 192 0.06 -7.43 9.32
N HIS D 193 -0.50 -8.64 9.39
CA HIS D 193 -1.47 -9.10 8.40
C HIS D 193 -2.75 -8.27 8.56
N SER D 194 -3.45 -8.06 7.45
CA SER D 194 -4.72 -7.32 7.43
C SER D 194 -5.73 -7.93 8.38
N GLY D 195 -6.47 -7.09 9.08
CA GLY D 195 -7.47 -7.53 10.05
C GLY D 195 -6.91 -7.86 11.42
N VAL D 196 -5.59 -7.77 11.57
CA VAL D 196 -4.96 -8.06 12.86
C VAL D 196 -4.83 -6.75 13.64
N PRO D 197 -5.38 -6.71 14.87
CA PRO D 197 -5.35 -5.46 15.65
C PRO D 197 -3.95 -4.98 16.02
N SER D 198 -3.83 -3.68 16.27
CA SER D 198 -2.55 -3.03 16.62
C SER D 198 -1.89 -3.58 17.88
N ARG D 199 -2.69 -4.13 18.78
CA ARG D 199 -2.16 -4.64 20.05
C ARG D 199 -1.20 -5.84 19.91
N PHE D 200 -1.26 -6.54 18.77
CA PHE D 200 -0.20 -7.49 18.40
C PHE D 200 0.90 -6.73 17.70
N SER D 201 2.14 -7.01 18.11
CA SER D 201 3.31 -6.40 17.51
C SER D 201 4.48 -7.33 17.75
N GLY D 202 5.39 -7.39 16.79
CA GLY D 202 6.52 -8.27 16.90
C GLY D 202 7.81 -7.52 16.68
N SER D 203 8.89 -8.05 17.21
CA SER D 203 10.21 -7.47 16.99
C SER D 203 11.29 -8.54 17.06
N GLY D 204 12.53 -8.12 16.80
CA GLY D 204 13.67 -9.01 16.84
C GLY D 204 14.64 -8.77 15.70
N SER D 205 15.77 -9.45 15.77
CA SER D 205 16.81 -9.34 14.75
C SER D 205 17.79 -10.50 14.90
N GLY D 206 18.40 -10.89 13.79
CA GLY D 206 19.38 -11.97 13.80
C GLY D 206 18.75 -13.30 14.15
N THR D 207 18.91 -13.71 15.41
CA THR D 207 18.52 -15.04 15.88
C THR D 207 17.38 -15.00 16.91
N ASP D 208 17.05 -13.82 17.40
CA ASP D 208 16.13 -13.66 18.51
C ASP D 208 14.97 -12.75 18.14
N TYR D 209 13.76 -13.23 18.41
CA TYR D 209 12.53 -12.56 18.00
C TYR D 209 11.50 -12.70 19.08
N SER D 210 10.45 -11.88 19.01
CA SER D 210 9.40 -11.96 20.00
C SER D 210 8.13 -11.34 19.49
N LEU D 211 7.02 -11.83 20.04
CA LEU D 211 5.70 -11.32 19.74
C LEU D 211 5.20 -10.75 21.05
N THR D 212 4.61 -9.57 20.98
CA THR D 212 4.08 -8.91 22.14
C THR D 212 2.62 -8.63 21.90
N ILE D 213 1.79 -9.07 22.83
CA ILE D 213 0.35 -8.84 22.79
C ILE D 213 0.05 -7.91 23.95
N SER D 214 -0.71 -6.85 23.69
CA SER D 214 -1.15 -5.93 24.74
C SER D 214 -2.66 -6.01 24.91
N ASN D 215 -3.15 -5.57 26.06
CA ASN D 215 -4.57 -5.70 26.41
C ASN D 215 -5.14 -7.05 25.98
N LEU D 216 -4.76 -8.10 26.72
CA LEU D 216 -5.23 -9.45 26.44
C LEU D 216 -6.74 -9.53 26.52
N GLU D 217 -7.33 -10.22 25.56
CA GLU D 217 -8.77 -10.40 25.49
C GLU D 217 -9.07 -11.89 25.52
N GLN D 218 -10.34 -12.21 25.76
CA GLN D 218 -10.83 -13.60 25.68
C GLN D 218 -10.42 -14.23 24.35
N GLU D 219 -10.54 -13.45 23.26
CA GLU D 219 -10.20 -13.88 21.91
C GLU D 219 -8.78 -14.41 21.74
N ASP D 220 -7.88 -14.04 22.64
CA ASP D 220 -6.45 -14.35 22.52
C ASP D 220 -6.03 -15.66 23.22
N ILE D 221 -6.97 -16.36 23.85
CA ILE D 221 -6.63 -17.68 24.41
C ILE D 221 -6.38 -18.61 23.22
N ALA D 222 -5.11 -18.99 23.03
CA ALA D 222 -4.69 -19.70 21.83
C ALA D 222 -3.25 -20.18 22.00
N THR D 223 -2.74 -20.86 20.98
CA THR D 223 -1.34 -21.24 20.94
C THR D 223 -0.65 -20.44 19.82
N TYR D 224 0.52 -19.91 20.12
CA TYR D 224 1.21 -19.04 19.20
C TYR D 224 2.49 -19.70 18.72
N PHE D 225 2.68 -19.68 17.39
CA PHE D 225 3.75 -20.40 16.72
C PHE D 225 4.59 -19.42 15.90
N CYS D 226 5.92 -19.48 16.05
CA CYS D 226 6.81 -18.75 15.16
C CYS D 226 7.25 -19.67 14.03
N GLN D 227 7.61 -19.06 12.90
CA GLN D 227 8.10 -19.80 11.75
C GLN D 227 9.16 -19.02 11.02
N GLN D 228 10.24 -19.69 10.67
CA GLN D 228 11.33 -19.10 9.92
C GLN D 228 11.10 -19.23 8.41
N ASP D 229 11.45 -18.19 7.64
CA ASP D 229 11.30 -18.17 6.18
C ASP D 229 12.61 -17.78 5.47
N SER D 230 13.71 -18.13 6.10
CA SER D 230 15.03 -17.79 5.61
C SER D 230 15.57 -18.85 4.64
N LYS D 231 15.18 -20.11 4.85
CA LYS D 231 15.79 -21.26 4.17
C LYS D 231 14.82 -22.41 4.07
N HIS D 232 14.98 -23.23 3.03
CA HIS D 232 14.25 -24.49 2.95
C HIS D 232 15.04 -25.55 3.74
N PRO D 233 14.37 -26.44 4.46
CA PRO D 233 12.91 -26.48 4.60
C PRO D 233 12.42 -25.49 5.65
N ARG D 234 11.24 -24.96 5.44
CA ARG D 234 10.61 -24.08 6.42
C ARG D 234 10.42 -24.87 7.70
N THR D 235 10.55 -24.19 8.83
CA THR D 235 10.44 -24.84 10.12
C THR D 235 9.72 -23.94 11.09
N PHE D 236 9.07 -24.56 12.06
CA PHE D 236 8.28 -23.88 13.05
C PHE D 236 8.86 -24.11 14.43
N GLY D 237 8.49 -23.28 15.38
CA GLY D 237 8.79 -23.51 16.77
C GLY D 237 7.74 -24.45 17.32
N GLY D 238 7.97 -24.95 18.53
CA GLY D 238 7.05 -25.91 19.15
C GLY D 238 5.75 -25.30 19.63
N GLY D 239 5.70 -23.99 19.74
CA GLY D 239 4.47 -23.27 20.09
C GLY D 239 4.48 -22.87 21.55
N THR D 240 3.72 -21.82 21.86
CA THR D 240 3.54 -21.37 23.24
C THR D 240 2.04 -21.23 23.50
N LYS D 241 1.57 -21.93 24.52
CA LYS D 241 0.15 -22.08 24.83
C LYS D 241 -0.35 -21.02 25.83
N LEU D 242 -1.67 -20.73 25.75
CA LEU D 242 -2.42 -19.73 26.54
C LEU D 242 -2.11 -18.30 26.15
#